data_9K1F
#
_entry.id   9K1F
#
loop_
_entity.id
_entity.type
_entity.pdbx_description
1 polymer 'Sodium- and chloride-dependent taurine transporter'
2 polymer 'Fragment antigen binding heavy chain'
3 polymer 'Fragment antigen binding light chain'
4 non-polymer 'GAMMA-AMINO-BUTANOIC ACID'
5 non-polymer 'CHLORIDE ION'
6 non-polymer 'SODIUM ION'
#
loop_
_entity_poly.entity_id
_entity_poly.type
_entity_poly.pdbx_seq_one_letter_code
_entity_poly.pdbx_strand_id
1 'polypeptide(L)'
;MATKEKLQCLKDFHKDILKPSPGKSPGTRPEDEAEGKPPQREKWSSKIDFVLSVAGGFVGLGNVWRFPYLCYKNGGGAFL
IPYFIFLFGSGLPVFFLEIIIGQYTSEGGITCWEKICPLFSGIGYASVVIVSLLNVYYIVILAWATYYLFQSFQKELPWA
HCNHSWNTPHCMEDTMRKNKSVWITISSTNFTSPVIEFWERNVLSLSPGIDHPGSLKWDLALCLLLVWLVCFFCIWKGVR
STGKVVYFTATFPFAMLLVLLVRGLTLPGAGAGIKFYLYPDITRLEDPQVWIDAGTQIFFSYAICLGAMTSLGSYNKYHN
NVYRDCMLLGCLNSGTSFVSGFAIFSILGFMAQEQGVDIADVAESGPGLAFIAYPKAVTMMPLPTFWSILFFIMLLLLGL
DSQFVEVEGQITSLVDLYPSFLRKGYRREIFIAFVCSISYLLGLTMVTEGGMYVFQLFDYYAASGVCLLWVAFFECFVIA
WIYGGNRFSEDIRDMIGFPPGPWMKYSWAVITPVLCVGCFIFSLVKYVPLTYNKTYVYPNWAIGLGWSLALSSMLCVPLV
IVIRLCQTEGPFLVRVKYLLTPREPNRWAVEREGATPYNSRTVMNGALVKPTHIIVETMMGSDEVDAGSHHHHHHHHHHG
SVEDYKDDDDK
;
A
2 'polypeptide(L)'
;EVQLVESGGGLVKPGGSLKLSCAASGFTFSSYAMSWVRQSPEKRLEWVAEISSGGRYIYYSDTVTGRFTISRDNARNILH
LEMSSLRSEDTAMYYCARGEVRQRGFDYWGQGTTLTVS
;
H
3 'polypeptide(L)'
;ENVLTQSPAIMSTSPGEKVTMTCRASSSVGSSYLHWYQQKSGASPKLWIYSTSNLASGVPARFSGSGSGTSYSLTISSVE
AEDAATYYCQQFSGYPLTFGSGTKLEMGSDEVDAGSHHHHHHHHHHGSVEDYKDDDDK
;
L
#
# COMPACT_ATOMS: atom_id res chain seq x y z
N LYS A 47 9.55 8.40 13.40
CA LYS A 47 9.68 7.50 12.22
C LYS A 47 8.97 6.15 12.43
N ILE A 48 9.22 5.49 13.57
CA ILE A 48 8.56 4.21 13.81
C ILE A 48 7.10 4.40 14.21
N ASP A 49 6.78 5.48 14.93
CA ASP A 49 5.45 5.60 15.55
C ASP A 49 4.33 5.34 14.55
N PHE A 50 4.39 5.95 13.37
CA PHE A 50 3.32 5.80 12.39
C PHE A 50 3.21 4.34 11.92
N VAL A 51 4.34 3.73 11.57
CA VAL A 51 4.31 2.35 11.09
C VAL A 51 3.79 1.43 12.17
N LEU A 52 4.27 1.61 13.41
CA LEU A 52 3.80 0.82 14.53
C LEU A 52 2.29 0.96 14.71
N SER A 53 1.76 2.16 14.50
CA SER A 53 0.33 2.36 14.67
C SER A 53 -0.48 1.73 13.54
N VAL A 54 -0.04 1.89 12.30
CA VAL A 54 -0.87 1.52 11.16
C VAL A 54 -0.60 0.11 10.66
N ALA A 55 0.63 -0.39 10.81
CA ALA A 55 0.98 -1.67 10.21
C ALA A 55 0.10 -2.79 10.74
N GLY A 56 -0.29 -2.70 12.01
CA GLY A 56 -1.17 -3.72 12.58
C GLY A 56 -2.54 -3.78 11.94
N GLY A 57 -2.92 -2.76 11.15
CA GLY A 57 -4.23 -2.77 10.53
C GLY A 57 -4.42 -3.87 9.51
N PHE A 58 -3.36 -4.19 8.77
CA PHE A 58 -3.46 -5.19 7.72
C PHE A 58 -2.32 -6.22 7.72
N VAL A 59 -1.43 -6.18 8.70
CA VAL A 59 -0.74 -7.40 9.15
C VAL A 59 -1.70 -8.14 10.06
N GLY A 60 -2.04 -9.38 9.69
CA GLY A 60 -3.04 -10.11 10.43
C GLY A 60 -3.12 -11.58 10.08
N LEU A 61 -4.33 -12.15 10.19
CA LEU A 61 -4.50 -13.57 9.94
C LEU A 61 -4.12 -13.96 8.51
N GLY A 62 -4.18 -13.03 7.57
CA GLY A 62 -3.74 -13.34 6.21
C GLY A 62 -2.32 -13.86 6.19
N ASN A 63 -1.48 -13.40 7.12
CA ASN A 63 -0.09 -13.83 7.17
C ASN A 63 0.07 -15.11 7.97
N VAL A 64 -0.38 -15.10 9.22
CA VAL A 64 -0.08 -16.19 10.14
C VAL A 64 -0.95 -17.42 9.88
N TRP A 65 -2.10 -17.26 9.22
CA TRP A 65 -3.04 -18.35 9.04
C TRP A 65 -3.26 -18.70 7.58
N ARG A 66 -3.51 -17.70 6.71
CA ARG A 66 -3.92 -18.02 5.36
C ARG A 66 -2.75 -18.52 4.52
N PHE A 67 -1.65 -17.76 4.52
CA PHE A 67 -0.53 -18.09 3.66
C PHE A 67 -0.02 -19.51 3.91
N PRO A 68 0.18 -19.95 5.16
CA PRO A 68 0.64 -21.33 5.35
C PRO A 68 -0.28 -22.38 4.76
N TYR A 69 -1.60 -22.27 4.92
CA TYR A 69 -2.45 -23.35 4.44
C TYR A 69 -2.60 -23.29 2.93
N LEU A 70 -2.55 -22.09 2.34
CA LEU A 70 -2.51 -22.04 0.88
C LEU A 70 -1.21 -22.62 0.33
N CYS A 71 -0.09 -22.37 1.02
CA CYS A 71 1.17 -22.95 0.60
C CYS A 71 1.15 -24.47 0.70
N TYR A 72 0.62 -25.00 1.80
CA TYR A 72 0.52 -26.45 1.96
C TYR A 72 -0.42 -27.04 0.92
N LYS A 73 -1.57 -26.40 0.71
CA LYS A 73 -2.55 -26.88 -0.27
C LYS A 73 -1.92 -27.05 -1.65
N ASN A 74 -1.03 -26.13 -2.02
CA ASN A 74 -0.39 -26.12 -3.32
C ASN A 74 0.97 -26.82 -3.32
N GLY A 75 1.22 -27.70 -2.37
CA GLY A 75 2.42 -28.52 -2.41
C GLY A 75 3.70 -27.83 -2.02
N GLY A 76 3.64 -26.83 -1.16
CA GLY A 76 4.85 -26.27 -0.58
C GLY A 76 5.52 -25.26 -1.49
N GLY A 77 6.79 -25.51 -1.81
CA GLY A 77 7.65 -24.50 -2.41
C GLY A 77 7.23 -24.05 -3.79
N ALA A 78 6.44 -24.85 -4.51
CA ALA A 78 5.97 -24.41 -5.82
C ALA A 78 5.15 -23.14 -5.69
N PHE A 79 4.55 -22.90 -4.53
CA PHE A 79 3.73 -21.71 -4.32
C PHE A 79 4.56 -20.43 -4.34
N LEU A 80 5.85 -20.53 -4.04
CA LEU A 80 6.66 -19.32 -3.85
C LEU A 80 6.94 -18.58 -5.16
N ILE A 81 7.10 -19.32 -6.26
CA ILE A 81 7.48 -18.69 -7.53
C ILE A 81 6.37 -17.71 -7.95
N PRO A 82 5.14 -18.16 -8.18
CA PRO A 82 4.08 -17.20 -8.51
C PRO A 82 3.83 -16.21 -7.39
N TYR A 83 4.07 -16.61 -6.14
CA TYR A 83 3.89 -15.67 -5.03
C TYR A 83 4.74 -14.44 -5.21
N PHE A 84 6.04 -14.62 -5.43
CA PHE A 84 6.93 -13.46 -5.59
C PHE A 84 6.74 -12.80 -6.95
N ILE A 85 6.38 -13.56 -7.98
CA ILE A 85 6.09 -12.93 -9.27
C ILE A 85 4.96 -11.92 -9.11
N PHE A 86 3.86 -12.34 -8.47
CA PHE A 86 2.77 -11.41 -8.18
C PHE A 86 3.21 -10.29 -7.25
N LEU A 87 3.98 -10.60 -6.22
CA LEU A 87 4.40 -9.55 -5.29
C LEU A 87 5.07 -8.41 -6.03
N PHE A 88 6.16 -8.71 -6.73
CA PHE A 88 6.92 -7.64 -7.38
C PHE A 88 6.29 -7.17 -8.69
N GLY A 89 5.30 -7.88 -9.24
CA GLY A 89 4.63 -7.39 -10.43
C GLY A 89 3.47 -6.46 -10.13
N SER A 90 2.62 -6.82 -9.16
CA SER A 90 1.39 -6.08 -8.92
C SER A 90 1.21 -5.72 -7.46
N GLY A 91 1.82 -6.50 -6.56
CA GLY A 91 1.56 -6.30 -5.14
C GLY A 91 1.91 -4.92 -4.65
N LEU A 92 3.20 -4.58 -4.68
CA LEU A 92 3.62 -3.28 -4.16
C LEU A 92 3.08 -2.15 -5.03
N PRO A 93 3.17 -2.20 -6.36
CA PRO A 93 2.71 -1.06 -7.16
C PRO A 93 1.24 -0.74 -6.97
N VAL A 94 0.39 -1.76 -6.88
CA VAL A 94 -1.05 -1.50 -6.73
C VAL A 94 -1.36 -0.97 -5.34
N PHE A 95 -0.64 -1.45 -4.32
CA PHE A 95 -0.80 -0.89 -2.98
C PHE A 95 -0.42 0.60 -2.97
N PHE A 96 0.69 0.94 -3.61
CA PHE A 96 1.08 2.34 -3.76
C PHE A 96 -0.01 3.13 -4.47
N LEU A 97 -0.57 2.55 -5.54
CA LEU A 97 -1.63 3.22 -6.30
C LEU A 97 -2.85 3.48 -5.43
N GLU A 98 -3.24 2.51 -4.60
CA GLU A 98 -4.38 2.71 -3.71
C GLU A 98 -4.12 3.83 -2.72
N ILE A 99 -2.92 3.86 -2.13
CA ILE A 99 -2.60 4.95 -1.20
C ILE A 99 -2.66 6.29 -1.93
N ILE A 100 -2.16 6.33 -3.17
CA ILE A 100 -2.19 7.57 -3.94
C ILE A 100 -3.64 8.00 -4.21
N ILE A 101 -4.50 7.06 -4.56
CA ILE A 101 -5.91 7.39 -4.79
C ILE A 101 -6.54 7.95 -3.52
N GLY A 102 -6.27 7.31 -2.38
CA GLY A 102 -6.82 7.74 -1.12
C GLY A 102 -6.42 9.16 -0.78
N GLN A 103 -5.12 9.45 -0.91
CA GLN A 103 -4.66 10.81 -0.64
C GLN A 103 -5.19 11.81 -1.66
N TYR A 104 -5.24 11.40 -2.94
CA TYR A 104 -5.62 12.31 -4.01
C TYR A 104 -7.08 12.75 -3.88
N THR A 105 -7.97 11.84 -3.50
CA THR A 105 -9.40 12.12 -3.56
C THR A 105 -10.05 12.36 -2.21
N SER A 106 -9.41 11.96 -1.10
CA SER A 106 -9.93 12.24 0.23
C SER A 106 -11.36 11.73 0.39
N GLU A 107 -11.61 10.55 -0.17
CA GLU A 107 -12.95 9.97 -0.12
C GLU A 107 -12.83 8.45 -0.09
N GLY A 108 -13.87 7.80 0.40
CA GLY A 108 -13.93 6.36 0.44
C GLY A 108 -14.18 5.76 -0.94
N GLY A 109 -14.32 4.43 -0.95
CA GLY A 109 -14.47 3.73 -2.22
C GLY A 109 -15.68 4.18 -3.02
N ILE A 110 -16.81 4.36 -2.33
CA ILE A 110 -18.05 4.71 -3.04
C ILE A 110 -17.92 6.08 -3.70
N THR A 111 -17.13 6.97 -3.12
CA THR A 111 -17.12 8.38 -3.52
C THR A 111 -15.98 8.74 -4.46
N CYS A 112 -14.79 8.15 -4.27
CA CYS A 112 -13.60 8.70 -4.91
C CYS A 112 -13.65 8.56 -6.43
N TRP A 113 -14.10 7.43 -6.93
CA TRP A 113 -14.03 7.18 -8.37
C TRP A 113 -14.83 8.18 -9.18
N GLU A 114 -15.79 8.88 -8.56
CA GLU A 114 -16.50 9.93 -9.27
C GLU A 114 -15.54 10.96 -9.86
N LYS A 115 -14.43 11.22 -9.19
CA LYS A 115 -13.46 12.22 -9.61
C LYS A 115 -12.35 11.66 -10.48
N ILE A 116 -12.43 10.39 -10.87
CA ILE A 116 -11.44 9.75 -11.73
C ILE A 116 -12.06 9.29 -13.04
N CYS A 117 -13.08 8.45 -12.97
CA CYS A 117 -13.76 7.93 -14.15
C CYS A 117 -15.17 7.51 -13.80
N PRO A 118 -16.17 8.39 -13.99
CA PRO A 118 -17.53 8.09 -13.51
C PRO A 118 -18.07 6.75 -13.97
N LEU A 119 -17.77 6.31 -15.20
CA LEU A 119 -18.28 5.03 -15.67
C LEU A 119 -17.94 3.90 -14.70
N PHE A 120 -16.69 3.82 -14.28
CA PHE A 120 -16.19 2.72 -13.47
C PHE A 120 -16.34 2.96 -11.98
N SER A 121 -17.31 3.79 -11.57
CA SER A 121 -17.64 3.93 -10.16
C SER A 121 -18.09 2.62 -9.54
N GLY A 122 -18.48 1.65 -10.36
CA GLY A 122 -18.85 0.35 -9.83
C GLY A 122 -17.74 -0.29 -9.03
N ILE A 123 -16.50 0.14 -9.24
CA ILE A 123 -15.40 -0.39 -8.45
C ILE A 123 -15.62 -0.10 -6.97
N GLY A 124 -16.27 1.02 -6.65
CA GLY A 124 -16.53 1.33 -5.25
C GLY A 124 -17.51 0.36 -4.61
N TYR A 125 -18.60 0.05 -5.30
CA TYR A 125 -19.58 -0.88 -4.75
C TYR A 125 -19.01 -2.30 -4.70
N ALA A 126 -18.21 -2.68 -5.70
CA ALA A 126 -17.53 -3.96 -5.65
C ALA A 126 -16.64 -4.05 -4.41
N SER A 127 -15.87 -2.99 -4.15
CA SER A 127 -15.01 -2.97 -2.96
C SER A 127 -15.83 -3.07 -1.69
N VAL A 128 -16.93 -2.31 -1.61
CA VAL A 128 -17.71 -2.28 -0.38
C VAL A 128 -18.36 -3.64 -0.14
N VAL A 129 -18.83 -4.31 -1.19
CA VAL A 129 -19.48 -5.60 -0.98
C VAL A 129 -18.45 -6.68 -0.71
N ILE A 130 -17.25 -6.56 -1.28
CA ILE A 130 -16.18 -7.49 -0.93
C ILE A 130 -15.85 -7.38 0.54
N VAL A 131 -15.78 -6.15 1.05
CA VAL A 131 -15.53 -5.94 2.47
C VAL A 131 -16.70 -6.48 3.30
N SER A 132 -17.93 -6.26 2.84
CA SER A 132 -19.11 -6.69 3.57
C SER A 132 -19.22 -8.21 3.62
N LEU A 133 -18.60 -8.91 2.68
CA LEU A 133 -18.55 -10.37 2.75
C LEU A 133 -17.35 -10.86 3.54
N LEU A 134 -16.21 -10.17 3.45
CA LEU A 134 -15.04 -10.55 4.23
C LEU A 134 -15.30 -10.42 5.72
N ASN A 135 -15.95 -9.32 6.13
CA ASN A 135 -16.19 -9.11 7.56
C ASN A 135 -17.06 -10.22 8.15
N VAL A 136 -17.85 -10.88 7.32
CA VAL A 136 -18.74 -11.92 7.83
C VAL A 136 -17.95 -13.16 8.24
N TYR A 137 -17.03 -13.60 7.39
CA TYR A 137 -16.34 -14.87 7.60
C TYR A 137 -14.96 -14.71 8.24
N TYR A 138 -14.32 -13.56 8.04
CA TYR A 138 -13.02 -13.33 8.66
C TYR A 138 -13.10 -13.47 10.17
N ILE A 139 -14.20 -12.98 10.77
CA ILE A 139 -14.34 -13.04 12.22
C ILE A 139 -14.56 -14.46 12.72
N VAL A 140 -15.00 -15.38 11.86
CA VAL A 140 -15.24 -16.75 12.30
C VAL A 140 -13.93 -17.39 12.76
N ILE A 141 -12.81 -17.03 12.13
CA ILE A 141 -11.51 -17.52 12.58
C ILE A 141 -11.29 -17.14 14.04
N LEU A 142 -11.69 -15.91 14.40
CA LEU A 142 -11.55 -15.47 15.77
C LEU A 142 -12.48 -16.23 16.72
N ALA A 143 -13.60 -16.75 16.21
CA ALA A 143 -14.43 -17.60 17.04
C ALA A 143 -13.72 -18.89 17.40
N TRP A 144 -13.06 -19.53 16.44
CA TRP A 144 -12.29 -20.72 16.72
C TRP A 144 -11.13 -20.41 17.66
N ALA A 145 -10.46 -19.28 17.43
CA ALA A 145 -9.36 -18.88 18.31
C ALA A 145 -9.86 -18.67 19.75
N THR A 146 -11.01 -18.02 19.90
CA THR A 146 -11.56 -17.80 21.23
C THR A 146 -11.93 -19.11 21.91
N TYR A 147 -12.52 -20.04 21.15
CA TYR A 147 -12.85 -21.35 21.72
C TYR A 147 -11.59 -22.09 22.15
N TYR A 148 -10.54 -22.04 21.34
CA TYR A 148 -9.26 -22.64 21.72
C TYR A 148 -8.73 -22.01 22.99
N LEU A 149 -8.80 -20.68 23.07
CA LEU A 149 -8.30 -19.97 24.25
C LEU A 149 -9.06 -20.40 25.50
N PHE A 150 -10.39 -20.47 25.41
CA PHE A 150 -11.18 -20.88 26.57
C PHE A 150 -10.97 -22.35 26.90
N GLN A 151 -10.61 -23.18 25.92
CA GLN A 151 -10.23 -24.56 26.21
C GLN A 151 -8.84 -24.67 26.81
N SER A 152 -7.99 -23.66 26.62
CA SER A 152 -6.63 -23.71 27.15
C SER A 152 -6.58 -23.68 28.67
N PHE A 153 -7.62 -23.17 29.33
CA PHE A 153 -7.62 -23.05 30.79
C PHE A 153 -7.84 -24.40 31.46
N GLN A 154 -6.86 -25.31 31.33
CA GLN A 154 -6.91 -26.62 31.95
C GLN A 154 -5.52 -27.00 32.42
N LYS A 155 -5.47 -27.93 33.38
CA LYS A 155 -4.19 -28.45 33.83
C LYS A 155 -3.46 -29.15 32.70
N GLU A 156 -4.20 -29.86 31.85
CA GLU A 156 -3.65 -30.54 30.68
C GLU A 156 -4.48 -30.19 29.47
N LEU A 157 -3.81 -29.87 28.37
CA LEU A 157 -4.52 -29.39 27.19
C LEU A 157 -5.34 -30.54 26.57
N PRO A 158 -6.52 -30.25 26.03
CA PRO A 158 -7.36 -31.34 25.50
C PRO A 158 -6.78 -32.02 24.28
N TRP A 159 -6.03 -31.30 23.45
CA TRP A 159 -5.48 -31.84 22.22
C TRP A 159 -4.13 -32.51 22.43
N ALA A 160 -3.69 -32.67 23.68
CA ALA A 160 -2.41 -33.33 23.95
C ALA A 160 -2.53 -34.86 23.97
N HIS A 161 -3.70 -35.38 24.31
CA HIS A 161 -3.89 -36.81 24.51
C HIS A 161 -5.26 -37.18 23.97
N CYS A 162 -5.50 -38.49 23.82
CA CYS A 162 -6.79 -38.94 23.34
C CYS A 162 -7.37 -40.06 24.20
N ASN A 163 -7.35 -39.87 25.52
CA ASN A 163 -8.26 -40.59 26.40
C ASN A 163 -9.62 -39.92 26.51
N HIS A 164 -9.77 -38.71 25.96
CA HIS A 164 -10.98 -37.92 26.11
C HIS A 164 -12.15 -38.49 25.30
N SER A 165 -13.34 -37.97 25.57
CA SER A 165 -14.58 -38.63 25.17
C SER A 165 -14.86 -38.50 23.67
N TRP A 166 -14.49 -37.39 23.05
CA TRP A 166 -14.93 -37.13 21.68
C TRP A 166 -14.13 -37.94 20.66
N ASN A 167 -13.14 -38.70 21.12
CA ASN A 167 -12.16 -39.34 20.26
C ASN A 167 -12.72 -40.61 19.62
N THR A 168 -12.26 -40.90 18.40
CA THR A 168 -12.55 -42.17 17.75
C THR A 168 -11.73 -43.30 18.36
N PRO A 169 -12.17 -44.55 18.19
CA PRO A 169 -11.35 -45.68 18.64
C PRO A 169 -10.08 -45.87 17.83
N HIS A 170 -9.95 -45.22 16.67
CA HIS A 170 -8.77 -45.35 15.83
C HIS A 170 -7.61 -44.46 16.27
N CYS A 171 -7.72 -43.83 17.44
CA CYS A 171 -6.67 -42.91 17.90
C CYS A 171 -5.44 -43.63 18.42
N MET A 172 -4.29 -42.98 18.25
CA MET A 172 -3.08 -43.28 18.99
C MET A 172 -2.29 -42.00 19.15
N GLU A 173 -1.61 -41.85 20.28
CA GLU A 173 -0.72 -40.71 20.48
C GLU A 173 0.36 -40.73 19.40
N ASP A 174 0.81 -39.54 19.02
CA ASP A 174 1.75 -39.44 17.90
C ASP A 174 2.95 -40.34 18.08
N THR A 175 3.51 -40.37 19.30
CA THR A 175 4.70 -41.19 19.54
C THR A 175 4.40 -42.67 19.32
N MET A 176 3.18 -43.11 19.60
CA MET A 176 2.83 -44.51 19.46
C MET A 176 2.49 -44.89 18.03
N ARG A 177 2.34 -43.93 17.12
CA ARG A 177 1.94 -44.24 15.75
C ARG A 177 3.06 -44.92 14.96
N LYS A 178 4.30 -44.93 15.47
CA LYS A 178 5.33 -45.77 14.88
C LYS A 178 4.98 -47.24 14.93
N ASN A 179 4.17 -47.66 15.91
CA ASN A 179 3.78 -49.06 16.05
C ASN A 179 5.01 -49.92 16.33
N THR A 189 -1.77 -47.60 8.22
CA THR A 189 -3.11 -47.94 8.70
C THR A 189 -3.98 -46.69 8.77
N ASN A 190 -5.21 -46.86 9.26
CA ASN A 190 -6.17 -45.76 9.34
C ASN A 190 -6.01 -44.96 10.64
N PHE A 191 -4.85 -45.07 11.29
CA PHE A 191 -4.66 -44.39 12.57
C PHE A 191 -4.86 -42.89 12.43
N THR A 192 -5.25 -42.26 13.54
CA THR A 192 -5.52 -40.83 13.57
C THR A 192 -4.73 -40.17 14.70
N SER A 193 -4.43 -38.88 14.54
CA SER A 193 -3.65 -38.14 15.52
C SER A 193 -4.57 -37.33 16.43
N PRO A 194 -4.27 -37.24 17.73
CA PRO A 194 -5.19 -36.56 18.64
C PRO A 194 -5.45 -35.09 18.30
N VAL A 195 -4.45 -34.38 17.81
CA VAL A 195 -4.63 -32.95 17.54
C VAL A 195 -5.65 -32.76 16.42
N ILE A 196 -5.51 -33.55 15.35
CA ILE A 196 -6.36 -33.37 14.18
C ILE A 196 -7.81 -33.70 14.52
N GLU A 197 -8.04 -34.76 15.28
CA GLU A 197 -9.41 -35.13 15.61
C GLU A 197 -10.00 -34.28 16.73
N PHE A 198 -9.18 -33.70 17.61
CA PHE A 198 -9.69 -32.62 18.46
C PHE A 198 -10.24 -31.50 17.59
N TRP A 199 -9.41 -31.01 16.66
CA TRP A 199 -9.84 -29.98 15.73
C TRP A 199 -11.16 -30.36 15.06
N GLU A 200 -11.25 -31.58 14.54
CA GLU A 200 -12.38 -31.95 13.70
C GLU A 200 -13.65 -32.24 14.50
N ARG A 201 -13.53 -32.80 15.71
CA ARG A 201 -14.70 -33.33 16.41
C ARG A 201 -15.10 -32.55 17.66
N ASN A 202 -14.16 -31.94 18.38
CA ASN A 202 -14.53 -31.13 19.53
C ASN A 202 -14.82 -29.68 19.12
N VAL A 203 -13.83 -29.03 18.52
CA VAL A 203 -14.01 -27.65 18.07
C VAL A 203 -14.99 -27.60 16.91
N LEU A 204 -14.69 -28.35 15.84
CA LEU A 204 -15.42 -28.21 14.60
C LEU A 204 -16.63 -29.15 14.52
N SER A 205 -16.56 -30.32 15.15
CA SER A 205 -17.63 -31.31 15.07
C SER A 205 -18.08 -31.50 13.62
N LEU A 206 -17.11 -31.76 12.75
CA LEU A 206 -17.30 -31.65 11.31
C LEU A 206 -18.33 -32.66 10.81
N SER A 207 -19.40 -32.14 10.22
CA SER A 207 -20.42 -32.98 9.59
C SER A 207 -19.87 -33.58 8.30
N PRO A 208 -20.42 -34.72 7.85
CA PRO A 208 -19.89 -35.37 6.64
C PRO A 208 -20.06 -34.55 5.36
N GLY A 209 -20.66 -33.37 5.40
CA GLY A 209 -20.75 -32.57 4.19
C GLY A 209 -21.56 -31.31 4.41
N ILE A 210 -21.51 -30.44 3.40
CA ILE A 210 -22.29 -29.21 3.43
C ILE A 210 -23.79 -29.52 3.38
N ASP A 211 -24.15 -30.67 2.81
CA ASP A 211 -25.55 -31.09 2.78
C ASP A 211 -26.10 -31.42 4.15
N HIS A 212 -25.25 -31.48 5.17
CA HIS A 212 -25.63 -31.92 6.52
C HIS A 212 -25.21 -30.85 7.52
N PRO A 213 -25.92 -29.71 7.55
CA PRO A 213 -25.53 -28.64 8.48
C PRO A 213 -25.48 -29.09 9.92
N GLY A 214 -26.38 -29.99 10.34
CA GLY A 214 -26.41 -30.41 11.71
C GLY A 214 -26.85 -29.30 12.65
N SER A 215 -26.50 -29.49 13.93
CA SER A 215 -26.91 -28.57 14.97
C SER A 215 -26.04 -27.32 14.98
N LEU A 216 -26.60 -26.24 15.53
CA LEU A 216 -25.87 -24.99 15.72
C LEU A 216 -25.10 -25.07 17.03
N LYS A 217 -23.76 -25.08 16.94
CA LYS A 217 -22.93 -25.20 18.12
C LYS A 217 -23.06 -23.94 18.98
N TRP A 218 -23.68 -24.09 20.16
CA TRP A 218 -23.84 -22.97 21.07
C TRP A 218 -22.50 -22.43 21.58
N ASP A 219 -21.53 -23.31 21.82
CA ASP A 219 -20.26 -22.88 22.39
C ASP A 219 -19.48 -22.00 21.43
N LEU A 220 -19.66 -22.16 20.12
CA LEU A 220 -19.05 -21.28 19.13
C LEU A 220 -19.93 -20.09 18.79
N ALA A 221 -21.26 -20.26 18.88
CA ALA A 221 -22.14 -19.13 18.65
C ALA A 221 -21.92 -18.05 19.70
N LEU A 222 -21.74 -18.42 20.96
CA LEU A 222 -21.48 -17.43 21.98
C LEU A 222 -20.11 -16.80 21.77
N CYS A 223 -19.16 -17.55 21.22
CA CYS A 223 -17.86 -16.96 20.88
C CYS A 223 -18.00 -15.89 19.80
N LEU A 224 -18.79 -16.17 18.76
CA LEU A 224 -19.03 -15.14 17.76
C LEU A 224 -19.70 -13.94 18.38
N LEU A 225 -20.65 -14.17 19.29
CA LEU A 225 -21.30 -13.06 19.97
C LEU A 225 -20.29 -12.20 20.73
N LEU A 226 -19.39 -12.86 21.46
CA LEU A 226 -18.39 -12.14 22.24
C LEU A 226 -17.49 -11.31 21.34
N VAL A 227 -17.02 -11.90 20.24
CA VAL A 227 -16.11 -11.16 19.36
C VAL A 227 -16.83 -9.99 18.71
N TRP A 228 -18.10 -10.18 18.32
CA TRP A 228 -18.83 -9.08 17.71
C TRP A 228 -19.16 -8.00 18.71
N LEU A 229 -19.38 -8.35 19.97
CA LEU A 229 -19.54 -7.32 20.99
C LEU A 229 -18.25 -6.54 21.19
N VAL A 230 -17.11 -7.22 21.17
CA VAL A 230 -15.82 -6.52 21.26
C VAL A 230 -15.70 -5.53 20.12
N CYS A 231 -15.98 -5.98 18.89
CA CYS A 231 -15.90 -5.09 17.73
C CYS A 231 -16.89 -3.94 17.87
N PHE A 232 -18.11 -4.23 18.32
CA PHE A 232 -19.13 -3.20 18.46
C PHE A 232 -18.67 -2.10 19.40
N PHE A 233 -18.23 -2.47 20.60
CA PHE A 233 -17.82 -1.47 21.58
C PHE A 233 -16.55 -0.74 21.14
N CYS A 234 -15.62 -1.44 20.50
CA CYS A 234 -14.40 -0.76 20.05
C CYS A 234 -14.71 0.25 18.95
N ILE A 235 -15.58 -0.10 18.01
CA ILE A 235 -15.92 0.82 16.93
C ILE A 235 -16.79 1.96 17.46
N TRP A 236 -17.68 1.68 18.40
CA TRP A 236 -18.53 2.71 18.98
C TRP A 236 -17.70 3.71 19.77
N LYS A 237 -16.79 3.22 20.63
CA LYS A 237 -15.94 4.08 21.43
C LYS A 237 -14.78 4.68 20.66
N GLY A 238 -14.54 4.24 19.42
CA GLY A 238 -13.39 4.72 18.67
C GLY A 238 -12.05 4.29 19.22
N VAL A 239 -11.97 3.08 19.79
CA VAL A 239 -10.69 2.59 20.31
C VAL A 239 -9.73 2.33 19.17
N ARG A 240 -8.48 2.73 19.36
CA ARG A 240 -7.47 2.58 18.32
C ARG A 240 -6.09 2.42 18.96
N SER A 241 -5.14 1.92 18.17
CA SER A 241 -3.79 1.67 18.66
C SER A 241 -2.99 2.97 18.73
N THR A 242 -3.32 3.82 19.71
CA THR A 242 -2.58 5.05 19.94
C THR A 242 -2.24 5.29 21.41
N GLY A 243 -2.84 4.57 22.33
CA GLY A 243 -2.49 4.68 23.73
C GLY A 243 -1.19 3.97 24.04
N LYS A 244 -0.86 3.96 25.33
CA LYS A 244 0.36 3.30 25.78
C LYS A 244 0.38 1.81 25.44
N VAL A 245 -0.79 1.21 25.22
CA VAL A 245 -0.85 -0.22 24.89
C VAL A 245 -0.34 -0.51 23.49
N VAL A 246 -0.08 0.53 22.69
CA VAL A 246 0.29 0.31 21.28
C VAL A 246 1.57 -0.51 21.19
N TYR A 247 2.56 -0.21 22.04
CA TYR A 247 3.83 -0.94 21.97
C TYR A 247 3.60 -2.43 22.19
N PHE A 248 2.87 -2.79 23.24
CA PHE A 248 2.58 -4.19 23.51
C PHE A 248 1.77 -4.81 22.38
N THR A 249 0.69 -4.15 21.97
CA THR A 249 -0.20 -4.73 20.99
C THR A 249 0.52 -4.98 19.66
N ALA A 250 1.42 -4.07 19.28
CA ALA A 250 2.10 -4.19 18.00
C ALA A 250 3.32 -5.11 18.08
N THR A 251 3.97 -5.21 19.24
CA THR A 251 5.19 -5.99 19.37
C THR A 251 4.93 -7.46 19.71
N PHE A 252 3.93 -7.73 20.54
CA PHE A 252 3.74 -9.07 21.07
C PHE A 252 3.59 -10.13 19.98
N PRO A 253 2.82 -9.91 18.90
CA PRO A 253 2.73 -10.92 17.85
C PRO A 253 4.06 -11.32 17.26
N PHE A 254 4.96 -10.37 17.02
CA PHE A 254 6.26 -10.72 16.44
C PHE A 254 7.13 -11.48 17.41
N ALA A 255 7.05 -11.15 18.71
CA ALA A 255 7.77 -11.94 19.71
C ALA A 255 7.27 -13.38 19.71
N MET A 256 5.95 -13.57 19.64
CA MET A 256 5.41 -14.93 19.59
C MET A 256 5.86 -15.64 18.33
N LEU A 257 5.90 -14.93 17.20
CA LEU A 257 6.35 -15.54 15.96
C LEU A 257 7.81 -15.97 16.05
N LEU A 258 8.65 -15.15 16.69
CA LEU A 258 10.04 -15.56 16.91
C LEU A 258 10.11 -16.81 17.77
N VAL A 259 9.31 -16.86 18.84
CA VAL A 259 9.30 -18.02 19.72
C VAL A 259 8.94 -19.27 18.93
N LEU A 260 7.87 -19.19 18.14
CA LEU A 260 7.42 -20.35 17.38
C LEU A 260 8.39 -20.71 16.26
N LEU A 261 9.05 -19.71 15.67
CA LEU A 261 10.08 -19.98 14.68
C LEU A 261 11.18 -20.84 15.27
N VAL A 262 11.68 -20.43 16.44
CA VAL A 262 12.79 -21.15 17.04
C VAL A 262 12.35 -22.53 17.50
N ARG A 263 11.12 -22.64 18.03
CA ARG A 263 10.58 -23.96 18.35
C ARG A 263 10.44 -24.84 17.12
N GLY A 264 10.17 -24.25 15.96
CA GLY A 264 10.02 -25.01 14.74
C GLY A 264 11.33 -25.53 14.21
N LEU A 265 12.29 -24.64 13.97
CA LEU A 265 13.51 -25.05 13.28
C LEU A 265 14.32 -26.04 14.11
N THR A 266 14.18 -26.01 15.44
CA THR A 266 15.01 -26.84 16.30
C THR A 266 14.59 -28.30 16.28
N LEU A 267 13.37 -28.61 15.85
CA LEU A 267 12.85 -29.97 15.99
C LEU A 267 13.62 -30.94 15.10
N PRO A 268 13.62 -32.22 15.46
CA PRO A 268 14.44 -33.18 14.70
C PRO A 268 14.04 -33.31 13.24
N GLY A 269 12.76 -33.11 12.92
CA GLY A 269 12.26 -33.24 11.57
C GLY A 269 12.16 -31.94 10.79
N ALA A 270 12.76 -30.85 11.29
CA ALA A 270 12.58 -29.55 10.66
C ALA A 270 13.21 -29.49 9.28
N GLY A 271 14.32 -30.19 9.08
CA GLY A 271 15.03 -30.07 7.80
C GLY A 271 14.20 -30.54 6.63
N ALA A 272 13.51 -31.68 6.79
CA ALA A 272 12.65 -32.17 5.72
C ALA A 272 11.50 -31.21 5.47
N GLY A 273 10.96 -30.61 6.52
CA GLY A 273 9.90 -29.63 6.34
C GLY A 273 10.36 -28.43 5.55
N ILE A 274 11.55 -27.92 5.86
CA ILE A 274 12.06 -26.76 5.13
C ILE A 274 12.39 -27.14 3.69
N LYS A 275 12.89 -28.36 3.47
CA LYS A 275 13.14 -28.82 2.10
C LYS A 275 11.83 -28.85 1.31
N PHE A 276 10.76 -29.36 1.92
CA PHE A 276 9.46 -29.32 1.28
C PHE A 276 9.00 -27.89 1.04
N TYR A 277 9.37 -26.99 1.95
CA TYR A 277 8.91 -25.60 1.87
C TYR A 277 9.62 -24.81 0.78
N LEU A 278 10.86 -25.17 0.44
CA LEU A 278 11.68 -24.34 -0.43
C LEU A 278 12.08 -25.01 -1.74
N TYR A 279 11.60 -26.22 -2.03
CA TYR A 279 11.96 -26.93 -3.26
C TYR A 279 10.78 -26.95 -4.22
N PRO A 280 10.81 -26.19 -5.31
CA PRO A 280 9.71 -26.25 -6.28
C PRO A 280 9.67 -27.59 -7.02
N ASP A 281 8.55 -27.81 -7.70
CA ASP A 281 8.30 -28.99 -8.50
C ASP A 281 7.71 -28.55 -9.84
N ILE A 282 8.36 -27.57 -10.47
CA ILE A 282 7.77 -26.88 -11.62
C ILE A 282 7.22 -27.86 -12.65
N THR A 283 7.79 -29.05 -12.73
CA THR A 283 7.37 -30.00 -13.76
C THR A 283 5.99 -30.59 -13.54
N ARG A 284 5.37 -30.39 -12.37
CA ARG A 284 4.09 -31.03 -12.10
C ARG A 284 3.03 -30.06 -11.61
N LEU A 285 3.44 -29.06 -10.82
CA LEU A 285 2.49 -28.25 -10.06
C LEU A 285 2.09 -26.96 -10.75
N GLU A 286 2.56 -26.67 -11.96
CA GLU A 286 2.17 -25.43 -12.60
C GLU A 286 0.80 -25.54 -13.25
N ASP A 287 -0.20 -25.91 -12.44
CA ASP A 287 -1.60 -25.83 -12.84
C ASP A 287 -2.13 -24.44 -12.49
N PRO A 288 -3.37 -24.13 -12.89
CA PRO A 288 -3.90 -22.78 -12.60
C PRO A 288 -4.14 -22.52 -11.12
N GLN A 289 -4.38 -23.57 -10.33
CA GLN A 289 -4.75 -23.38 -8.94
C GLN A 289 -3.67 -22.62 -8.18
N VAL A 290 -2.40 -23.03 -8.34
CA VAL A 290 -1.33 -22.37 -7.62
C VAL A 290 -1.23 -20.91 -8.03
N TRP A 291 -1.45 -20.60 -9.31
CA TRP A 291 -1.29 -19.23 -9.77
C TRP A 291 -2.38 -18.33 -9.20
N ILE A 292 -3.64 -18.75 -9.27
CA ILE A 292 -4.68 -17.93 -8.67
C ILE A 292 -4.48 -17.85 -7.16
N ASP A 293 -4.08 -18.94 -6.53
CA ASP A 293 -3.93 -18.90 -5.08
C ASP A 293 -2.84 -17.92 -4.68
N ALA A 294 -1.73 -17.90 -5.42
CA ALA A 294 -0.64 -16.97 -5.10
C ALA A 294 -1.07 -15.52 -5.33
N GLY A 295 -1.63 -15.23 -6.51
CA GLY A 295 -2.06 -13.86 -6.77
C GLY A 295 -3.11 -13.39 -5.78
N THR A 296 -4.07 -14.27 -5.47
CA THR A 296 -5.09 -13.96 -4.48
C THR A 296 -4.48 -13.73 -3.11
N GLN A 297 -3.48 -14.53 -2.73
CA GLN A 297 -2.84 -14.33 -1.43
C GLN A 297 -2.18 -12.96 -1.36
N ILE A 298 -1.46 -12.58 -2.42
CA ILE A 298 -0.86 -11.25 -2.44
C ILE A 298 -1.93 -10.18 -2.29
N PHE A 299 -3.00 -10.28 -3.08
CA PHE A 299 -4.01 -9.22 -3.08
C PHE A 299 -4.78 -9.19 -1.76
N PHE A 300 -5.04 -10.35 -1.18
CA PHE A 300 -5.77 -10.44 0.09
C PHE A 300 -4.95 -9.91 1.24
N SER A 301 -3.68 -10.31 1.33
CA SER A 301 -2.86 -9.93 2.47
C SER A 301 -2.64 -8.41 2.52
N TYR A 302 -2.40 -7.80 1.37
CA TYR A 302 -2.24 -6.35 1.30
C TYR A 302 -3.58 -5.62 1.29
N ALA A 303 -4.69 -6.35 1.36
CA ALA A 303 -6.01 -5.75 1.53
C ALA A 303 -6.35 -4.79 0.39
N ILE A 304 -5.77 -5.02 -0.78
CA ILE A 304 -6.07 -4.19 -1.94
C ILE A 304 -7.38 -4.67 -2.57
N CYS A 305 -8.00 -3.78 -3.34
CA CYS A 305 -9.30 -4.03 -3.96
C CYS A 305 -10.43 -4.07 -2.93
N LEU A 306 -10.11 -3.89 -1.66
CA LEU A 306 -11.14 -3.84 -0.63
C LEU A 306 -11.70 -2.44 -0.44
N GLY A 307 -10.97 -1.41 -0.87
CA GLY A 307 -11.38 -0.04 -0.68
C GLY A 307 -11.12 0.52 0.70
N ALA A 308 -11.03 -0.33 1.72
CA ALA A 308 -10.65 0.16 3.05
C ALA A 308 -9.25 0.73 3.05
N MET A 309 -8.39 0.25 2.15
CA MET A 309 -7.05 0.82 2.03
C MET A 309 -7.13 2.29 1.60
N THR A 310 -7.94 2.57 0.60
CA THR A 310 -8.13 3.96 0.18
C THR A 310 -8.77 4.79 1.29
N SER A 311 -9.69 4.20 2.05
CA SER A 311 -10.29 4.91 3.17
C SER A 311 -9.25 5.25 4.23
N LEU A 312 -8.41 4.29 4.60
CA LEU A 312 -7.36 4.56 5.55
C LEU A 312 -6.35 5.56 5.00
N GLY A 313 -6.00 5.42 3.71
CA GLY A 313 -5.03 6.31 3.12
C GLY A 313 -5.48 7.76 3.09
N SER A 314 -6.79 7.98 3.09
CA SER A 314 -7.30 9.34 3.05
C SER A 314 -6.90 10.15 4.28
N TYR A 315 -6.57 9.48 5.39
CA TYR A 315 -6.14 10.18 6.59
C TYR A 315 -4.64 10.50 6.61
N ASN A 316 -3.89 10.01 5.62
CA ASN A 316 -2.45 10.18 5.61
C ASN A 316 -2.08 11.63 5.28
N LYS A 317 -0.81 11.95 5.50
CA LYS A 317 -0.26 13.28 5.22
C LYS A 317 0.60 13.21 3.97
N TYR A 318 0.45 14.21 3.09
CA TYR A 318 1.17 14.23 1.83
C TYR A 318 2.65 14.56 1.99
N HIS A 319 3.07 15.11 3.13
CA HIS A 319 4.46 15.51 3.29
C HIS A 319 5.41 14.32 3.36
N ASN A 320 4.91 13.14 3.68
CA ASN A 320 5.78 11.98 3.84
C ASN A 320 6.14 11.38 2.49
N ASN A 321 7.25 10.64 2.48
CA ASN A 321 7.69 9.88 1.31
C ASN A 321 6.89 8.58 1.19
N VAL A 322 5.72 8.72 0.56
CA VAL A 322 4.78 7.60 0.48
C VAL A 322 5.42 6.40 -0.21
N TYR A 323 6.26 6.65 -1.21
CA TYR A 323 6.89 5.56 -1.96
C TYR A 323 7.70 4.66 -1.03
N ARG A 324 8.60 5.25 -0.25
CA ARG A 324 9.47 4.47 0.63
C ARG A 324 8.66 3.76 1.70
N ASP A 325 7.64 4.43 2.26
CA ASP A 325 6.82 3.83 3.29
C ASP A 325 6.00 2.66 2.75
N CYS A 326 5.50 2.77 1.52
CA CYS A 326 4.82 1.64 0.90
C CYS A 326 5.76 0.46 0.74
N MET A 327 7.01 0.72 0.31
CA MET A 327 7.97 -0.37 0.22
C MET A 327 8.22 -0.99 1.59
N LEU A 328 8.35 -0.17 2.63
CA LEU A 328 8.61 -0.69 3.97
C LEU A 328 7.47 -1.58 4.42
N LEU A 329 6.23 -1.10 4.28
CA LEU A 329 5.08 -1.88 4.73
C LEU A 329 4.97 -3.19 3.96
N GLY A 330 5.16 -3.14 2.64
CA GLY A 330 5.09 -4.37 1.85
C GLY A 330 6.13 -5.38 2.26
N CYS A 331 7.38 -4.93 2.44
CA CYS A 331 8.44 -5.84 2.86
C CYS A 331 8.16 -6.41 4.24
N LEU A 332 7.66 -5.60 5.16
CA LEU A 332 7.35 -6.08 6.51
C LEU A 332 6.30 -7.17 6.47
N ASN A 333 5.18 -6.91 5.77
CA ASN A 333 4.09 -7.88 5.73
C ASN A 333 4.51 -9.16 5.01
N SER A 334 5.14 -9.04 3.85
CA SER A 334 5.53 -10.25 3.11
C SER A 334 6.59 -11.03 3.89
N GLY A 335 7.50 -10.34 4.59
CA GLY A 335 8.48 -11.04 5.39
C GLY A 335 7.88 -11.80 6.55
N THR A 336 6.93 -11.19 7.25
CA THR A 336 6.31 -11.94 8.35
C THR A 336 5.57 -13.16 7.81
N SER A 337 4.91 -13.02 6.66
CA SER A 337 4.26 -14.19 6.05
C SER A 337 5.29 -15.27 5.74
N PHE A 338 6.38 -14.88 5.06
CA PHE A 338 7.36 -15.85 4.61
C PHE A 338 8.01 -16.56 5.79
N VAL A 339 8.20 -15.85 6.89
CA VAL A 339 8.84 -16.44 8.08
C VAL A 339 7.89 -17.39 8.80
N SER A 340 6.62 -16.99 8.95
CA SER A 340 5.63 -17.92 9.47
C SER A 340 5.56 -19.17 8.60
N GLY A 341 5.87 -19.05 7.31
CA GLY A 341 6.00 -20.23 6.48
C GLY A 341 7.05 -21.19 6.99
N PHE A 342 8.25 -20.68 7.33
CA PHE A 342 9.26 -21.53 7.93
C PHE A 342 8.73 -22.18 9.20
N ALA A 343 8.09 -21.39 10.06
CA ALA A 343 7.64 -21.95 11.33
C ALA A 343 6.69 -23.12 11.11
N ILE A 344 5.64 -22.89 10.32
CA ILE A 344 4.63 -23.93 10.07
C ILE A 344 5.28 -25.16 9.46
N PHE A 345 6.09 -24.97 8.41
CA PHE A 345 6.53 -26.16 7.68
C PHE A 345 7.64 -26.91 8.41
N SER A 346 8.39 -26.25 9.30
CA SER A 346 9.26 -27.02 10.18
C SER A 346 8.45 -27.85 11.15
N ILE A 347 7.35 -27.29 11.68
CA ILE A 347 6.51 -28.09 12.56
C ILE A 347 5.93 -29.28 11.81
N LEU A 348 5.51 -29.07 10.56
CA LEU A 348 4.96 -30.16 9.77
C LEU A 348 6.03 -31.21 9.46
N GLY A 349 7.26 -30.78 9.19
CA GLY A 349 8.34 -31.73 9.02
C GLY A 349 8.51 -32.60 10.25
N PHE A 350 8.42 -31.99 11.43
CA PHE A 350 8.48 -32.83 12.64
C PHE A 350 7.29 -33.78 12.73
N MET A 351 6.10 -33.32 12.36
CA MET A 351 4.95 -34.21 12.41
C MET A 351 5.16 -35.42 11.50
N ALA A 352 5.73 -35.19 10.31
CA ALA A 352 6.06 -36.29 9.42
C ALA A 352 7.09 -37.21 10.06
N GLN A 353 8.10 -36.64 10.70
CA GLN A 353 9.12 -37.47 11.34
C GLN A 353 8.51 -38.35 12.43
N GLU A 354 7.64 -37.78 13.25
CA GLU A 354 7.11 -38.48 14.41
C GLU A 354 6.05 -39.51 14.02
N GLN A 355 5.18 -39.17 13.07
CA GLN A 355 4.05 -40.02 12.73
C GLN A 355 4.40 -41.07 11.68
N GLY A 356 5.42 -40.83 10.88
CA GLY A 356 5.79 -41.78 9.84
C GLY A 356 4.93 -41.70 8.58
N VAL A 357 4.47 -40.51 8.23
CA VAL A 357 3.73 -40.29 6.99
C VAL A 357 4.35 -39.11 6.26
N ASP A 358 4.11 -39.05 4.95
CA ASP A 358 4.70 -38.02 4.12
C ASP A 358 4.20 -36.64 4.57
N ILE A 359 5.04 -35.62 4.32
CA ILE A 359 4.73 -34.27 4.76
C ILE A 359 3.40 -33.80 4.17
N ALA A 360 3.09 -34.23 2.95
CA ALA A 360 1.87 -33.79 2.29
C ALA A 360 0.62 -34.34 2.96
N ASP A 361 0.75 -35.33 3.83
CA ASP A 361 -0.40 -36.01 4.41
C ASP A 361 -0.58 -35.77 5.89
N VAL A 362 0.36 -35.09 6.55
CA VAL A 362 0.35 -35.02 8.01
C VAL A 362 -0.88 -34.27 8.53
N ALA A 363 -1.28 -33.20 7.85
CA ALA A 363 -2.26 -32.26 8.38
C ALA A 363 -3.32 -31.95 7.32
N GLU A 364 -4.32 -31.18 7.75
CA GLU A 364 -5.40 -30.75 6.87
C GLU A 364 -4.87 -29.83 5.78
N SER A 365 -5.18 -30.14 4.53
CA SER A 365 -4.88 -29.25 3.42
C SER A 365 -5.95 -28.17 3.32
N GLY A 366 -6.15 -27.40 4.39
CA GLY A 366 -7.22 -26.45 4.43
C GLY A 366 -7.10 -25.45 5.57
N PRO A 367 -8.18 -24.67 5.80
CA PRO A 367 -8.12 -23.58 6.78
C PRO A 367 -7.59 -23.98 8.15
N GLY A 368 -7.75 -25.24 8.53
CA GLY A 368 -7.41 -25.69 9.87
C GLY A 368 -5.93 -25.89 10.13
N LEU A 369 -5.07 -25.64 9.13
CA LEU A 369 -3.67 -26.00 9.26
C LEU A 369 -3.03 -25.31 10.46
N ALA A 370 -3.25 -24.01 10.62
CA ALA A 370 -2.66 -23.29 11.74
C ALA A 370 -3.14 -23.84 13.07
N PHE A 371 -4.42 -24.22 13.15
CA PHE A 371 -5.01 -24.79 14.35
C PHE A 371 -4.69 -26.26 14.51
N ILE A 372 -3.87 -26.81 13.62
CA ILE A 372 -3.27 -28.12 13.79
C ILE A 372 -1.78 -28.01 14.06
N ALA A 373 -1.11 -27.06 13.38
CA ALA A 373 0.33 -26.90 13.52
C ALA A 373 0.69 -26.26 14.85
N TYR A 374 0.23 -25.02 15.10
CA TYR A 374 0.64 -24.35 16.33
C TYR A 374 0.17 -25.07 17.58
N PRO A 375 -1.08 -25.56 17.63
CA PRO A 375 -1.49 -26.35 18.80
C PRO A 375 -0.55 -27.52 19.08
N LYS A 376 0.02 -28.13 18.04
CA LYS A 376 1.06 -29.13 18.25
C LYS A 376 2.31 -28.50 18.85
N ALA A 377 2.73 -27.36 18.30
CA ALA A 377 3.98 -26.74 18.76
C ALA A 377 3.94 -26.42 20.24
N VAL A 378 2.82 -25.86 20.71
CA VAL A 378 2.70 -25.51 22.12
C VAL A 378 2.59 -26.74 23.01
N THR A 379 2.42 -27.93 22.43
CA THR A 379 2.48 -29.18 23.16
C THR A 379 3.90 -29.70 23.31
N MET A 380 4.88 -29.02 22.71
CA MET A 380 6.29 -29.40 22.81
C MET A 380 7.13 -28.29 23.43
N MET A 381 6.54 -27.49 24.31
CA MET A 381 7.27 -26.45 25.01
C MET A 381 7.06 -26.59 26.51
N PRO A 382 8.03 -26.15 27.31
CA PRO A 382 7.86 -26.22 28.76
C PRO A 382 6.60 -25.49 29.21
N LEU A 383 5.83 -26.14 30.09
CA LEU A 383 4.60 -25.56 30.63
C LEU A 383 3.65 -25.21 29.50
N PRO A 384 3.07 -26.22 28.84
CA PRO A 384 2.26 -25.97 27.63
C PRO A 384 1.15 -24.94 27.80
N THR A 385 0.44 -24.93 28.93
CA THR A 385 -0.73 -24.07 29.08
C THR A 385 -0.36 -22.60 28.92
N PHE A 386 0.78 -22.21 29.48
CA PHE A 386 1.22 -20.81 29.38
C PHE A 386 1.38 -20.39 27.93
N TRP A 387 2.09 -21.21 27.15
CA TRP A 387 2.29 -20.88 25.74
C TRP A 387 1.00 -20.96 24.94
N SER A 388 0.10 -21.88 25.29
CA SER A 388 -1.18 -21.94 24.59
C SER A 388 -1.97 -20.66 24.79
N ILE A 389 -2.05 -20.20 26.04
CA ILE A 389 -2.79 -18.98 26.34
C ILE A 389 -2.14 -17.80 25.62
N LEU A 390 -0.81 -17.70 25.69
CA LEU A 390 -0.13 -16.61 25.00
C LEU A 390 -0.41 -16.65 23.51
N PHE A 391 -0.33 -17.85 22.91
CA PHE A 391 -0.48 -17.95 21.45
C PHE A 391 -1.85 -17.50 21.00
N PHE A 392 -2.91 -17.98 21.67
CA PHE A 392 -4.24 -17.62 21.20
C PHE A 392 -4.64 -16.20 21.58
N ILE A 393 -4.18 -15.68 22.72
CA ILE A 393 -4.38 -14.26 22.98
C ILE A 393 -3.66 -13.43 21.92
N MET A 394 -2.46 -13.86 21.53
CA MET A 394 -1.72 -13.19 20.46
C MET A 394 -2.48 -13.23 19.16
N LEU A 395 -3.05 -14.39 18.82
CA LEU A 395 -3.79 -14.53 17.57
C LEU A 395 -5.01 -13.62 17.56
N LEU A 396 -5.71 -13.52 18.69
CA LEU A 396 -6.85 -12.62 18.77
C LEU A 396 -6.40 -11.16 18.67
N LEU A 397 -5.30 -10.80 19.33
CA LEU A 397 -4.81 -9.42 19.22
C LEU A 397 -4.36 -9.12 17.80
N LEU A 398 -3.85 -10.12 17.08
CA LEU A 398 -3.40 -9.93 15.71
C LEU A 398 -4.58 -9.76 14.77
N GLY A 399 -5.66 -10.52 14.99
CA GLY A 399 -6.82 -10.48 14.13
C GLY A 399 -7.76 -9.33 14.38
N LEU A 400 -8.04 -9.04 15.66
CA LEU A 400 -9.02 -8.01 15.99
C LEU A 400 -8.54 -6.63 15.57
N ASP A 401 -7.25 -6.36 15.70
CA ASP A 401 -6.73 -5.05 15.32
C ASP A 401 -6.95 -4.77 13.83
N SER A 402 -7.20 -5.83 13.04
CA SER A 402 -7.44 -5.71 11.58
C SER A 402 -8.86 -5.81 11.29
N GLN A 403 -9.57 -6.52 12.08
CA GLN A 403 -11.02 -6.58 11.95
C GLN A 403 -11.63 -5.22 12.24
N PHE A 404 -11.10 -4.52 13.24
CA PHE A 404 -11.58 -3.17 13.55
C PHE A 404 -11.40 -2.25 12.36
N VAL A 405 -10.26 -2.34 11.68
CA VAL A 405 -10.00 -1.49 10.52
C VAL A 405 -11.00 -1.79 9.42
N GLU A 406 -11.28 -3.02 9.08
CA GLU A 406 -12.25 -3.17 8.01
C GLU A 406 -13.58 -2.69 8.49
N VAL A 407 -14.02 -3.13 9.63
CA VAL A 407 -15.37 -2.71 9.99
C VAL A 407 -15.49 -1.19 9.94
N GLU A 408 -14.47 -0.48 10.40
CA GLU A 408 -14.50 0.98 10.33
C GLU A 408 -14.57 1.45 8.89
N GLY A 409 -13.80 0.82 8.00
CA GLY A 409 -13.91 1.17 6.58
C GLY A 409 -15.29 0.90 6.03
N GLN A 410 -15.88 -0.24 6.42
CA GLN A 410 -17.23 -0.57 5.95
C GLN A 410 -18.23 0.49 6.37
N ILE A 411 -18.19 0.89 7.65
CA ILE A 411 -19.15 1.88 8.14
C ILE A 411 -18.92 3.23 7.46
N THR A 412 -17.67 3.70 7.45
CA THR A 412 -17.36 5.02 6.91
C THR A 412 -17.51 5.08 5.40
N SER A 413 -17.66 3.94 4.74
CA SER A 413 -17.99 3.91 3.32
C SER A 413 -19.51 3.84 3.11
N LEU A 414 -20.19 2.99 3.88
CA LEU A 414 -21.63 2.85 3.71
C LEU A 414 -22.37 4.14 4.06
N VAL A 415 -21.83 4.95 4.97
CA VAL A 415 -22.52 6.18 5.32
C VAL A 415 -22.68 7.07 4.09
N ASP A 416 -21.82 6.92 3.09
CA ASP A 416 -21.89 7.73 1.89
C ASP A 416 -23.15 7.47 1.08
N LEU A 417 -23.81 6.32 1.27
CA LEU A 417 -25.02 6.03 0.51
C LEU A 417 -26.20 6.89 0.96
N TYR A 418 -26.15 7.42 2.18
CA TYR A 418 -27.18 8.29 2.70
C TYR A 418 -26.62 9.09 3.88
N PRO A 419 -25.63 9.95 3.65
CA PRO A 419 -25.05 10.69 4.77
C PRO A 419 -26.04 11.59 5.47
N SER A 420 -27.05 12.11 4.76
CA SER A 420 -28.05 12.95 5.40
C SER A 420 -29.03 12.17 6.25
N PHE A 421 -29.00 10.83 6.20
CA PHE A 421 -29.90 10.00 6.98
C PHE A 421 -29.17 9.10 7.97
N LEU A 422 -28.05 8.50 7.56
CA LEU A 422 -27.29 7.66 8.47
C LEU A 422 -26.38 8.51 9.37
N ARG A 423 -25.76 9.54 8.80
CA ARG A 423 -24.90 10.44 9.56
C ARG A 423 -25.66 11.65 10.11
N LYS A 424 -27.00 11.60 10.08
CA LYS A 424 -27.79 12.75 10.51
C LYS A 424 -27.68 13.03 12.00
N GLY A 425 -27.08 12.13 12.78
CA GLY A 425 -26.98 12.33 14.21
C GLY A 425 -26.69 11.05 14.97
N TYR A 426 -27.53 10.76 15.97
CA TYR A 426 -27.33 9.57 16.78
C TYR A 426 -27.51 8.29 15.97
N ARG A 427 -28.05 8.38 14.76
CA ARG A 427 -28.32 7.18 13.98
C ARG A 427 -27.08 6.31 13.80
N ARG A 428 -25.89 6.91 13.81
CA ARG A 428 -24.67 6.13 13.59
C ARG A 428 -24.49 5.08 14.67
N GLU A 429 -24.79 5.42 15.92
CA GLU A 429 -24.65 4.45 17.00
C GLU A 429 -25.57 3.24 16.81
N ILE A 430 -26.67 3.42 16.09
CA ILE A 430 -27.59 2.32 15.81
C ILE A 430 -27.21 1.59 14.53
N PHE A 431 -26.65 2.32 13.57
CA PHE A 431 -26.25 1.72 12.30
C PHE A 431 -25.11 0.72 12.51
N ILE A 432 -24.18 1.04 13.41
CA ILE A 432 -23.12 0.09 13.73
C ILE A 432 -23.71 -1.19 14.31
N ALA A 433 -24.69 -1.04 15.21
CA ALA A 433 -25.32 -2.21 15.79
C ALA A 433 -26.03 -3.04 14.71
N PHE A 434 -26.68 -2.36 13.76
CA PHE A 434 -27.33 -3.07 12.66
C PHE A 434 -26.32 -3.87 11.84
N VAL A 435 -25.21 -3.22 11.46
CA VAL A 435 -24.22 -3.90 10.62
C VAL A 435 -23.64 -5.11 11.35
N CYS A 436 -23.31 -4.93 12.63
CA CYS A 436 -22.76 -6.03 13.41
C CYS A 436 -23.77 -7.15 13.55
N SER A 437 -25.04 -6.81 13.79
CA SER A 437 -26.08 -7.82 13.92
C SER A 437 -26.22 -8.64 12.64
N ILE A 438 -26.29 -7.96 11.49
CA ILE A 438 -26.46 -8.70 10.25
C ILE A 438 -25.24 -9.57 9.97
N SER A 439 -24.04 -9.05 10.22
CA SER A 439 -22.84 -9.86 10.01
C SER A 439 -22.83 -11.07 10.94
N TYR A 440 -23.26 -10.87 12.19
CA TYR A 440 -23.34 -11.98 13.13
C TYR A 440 -24.31 -13.05 12.66
N LEU A 441 -25.54 -12.64 12.30
CA LEU A 441 -26.54 -13.62 11.90
C LEU A 441 -26.18 -14.31 10.59
N LEU A 442 -25.36 -13.69 9.74
CA LEU A 442 -24.82 -14.43 8.61
C LEU A 442 -23.70 -15.37 9.05
N GLY A 443 -22.89 -14.94 10.02
CA GLY A 443 -21.81 -15.78 10.50
C GLY A 443 -22.29 -17.10 11.09
N LEU A 444 -23.48 -17.12 11.67
CA LEU A 444 -23.97 -18.32 12.34
C LEU A 444 -23.96 -19.53 11.42
N THR A 445 -24.13 -19.31 10.10
CA THR A 445 -24.17 -20.43 9.17
C THR A 445 -22.86 -21.22 9.20
N MET A 446 -21.75 -20.54 9.44
CA MET A 446 -20.44 -21.17 9.49
C MET A 446 -20.15 -21.83 10.82
N VAL A 447 -21.07 -21.71 11.79
CA VAL A 447 -20.89 -22.28 13.12
C VAL A 447 -21.69 -23.55 13.31
N THR A 448 -22.58 -23.87 12.39
CA THR A 448 -23.23 -25.18 12.41
C THR A 448 -22.19 -26.26 12.21
N GLU A 449 -22.59 -27.51 12.49
CA GLU A 449 -21.65 -28.61 12.38
C GLU A 449 -21.12 -28.74 10.95
N GLY A 450 -21.92 -28.38 9.96
CA GLY A 450 -21.50 -28.29 8.58
C GLY A 450 -20.91 -26.95 8.20
N GLY A 451 -20.64 -26.08 9.18
CA GLY A 451 -20.24 -24.73 8.87
C GLY A 451 -18.86 -24.63 8.24
N MET A 452 -18.01 -25.64 8.46
CA MET A 452 -16.66 -25.59 7.90
C MET A 452 -16.70 -25.53 6.38
N TYR A 453 -17.59 -26.29 5.75
CA TYR A 453 -17.67 -26.27 4.29
C TYR A 453 -18.12 -24.89 3.80
N VAL A 454 -19.05 -24.26 4.51
CA VAL A 454 -19.48 -22.91 4.13
C VAL A 454 -18.33 -21.93 4.29
N PHE A 455 -17.56 -22.08 5.37
CA PHE A 455 -16.40 -21.21 5.59
C PHE A 455 -15.38 -21.39 4.47
N GLN A 456 -15.14 -22.64 4.06
CA GLN A 456 -14.19 -22.88 2.98
C GLN A 456 -14.69 -22.25 1.67
N LEU A 457 -15.98 -22.39 1.40
CA LEU A 457 -16.55 -21.81 0.19
C LEU A 457 -16.39 -20.29 0.18
N PHE A 458 -16.72 -19.65 1.30
CA PHE A 458 -16.53 -18.21 1.43
C PHE A 458 -15.05 -17.84 1.27
N ASP A 459 -14.18 -18.55 1.97
CA ASP A 459 -12.76 -18.20 1.95
C ASP A 459 -12.19 -18.32 0.55
N TYR A 460 -12.76 -19.20 -0.28
CA TYR A 460 -12.26 -19.28 -1.65
C TYR A 460 -12.87 -18.19 -2.53
N TYR A 461 -14.19 -18.02 -2.49
CA TYR A 461 -14.87 -17.23 -3.52
C TYR A 461 -15.26 -15.82 -3.09
N ALA A 462 -15.63 -15.62 -1.83
CA ALA A 462 -16.33 -14.38 -1.45
C ALA A 462 -15.43 -13.16 -1.48
N ALA A 463 -14.20 -13.27 -0.98
CA ALA A 463 -13.27 -12.16 -0.98
C ALA A 463 -11.89 -12.64 -1.43
N SER A 464 -11.88 -13.50 -2.44
CA SER A 464 -10.67 -14.20 -2.85
C SER A 464 -10.88 -14.74 -4.25
N GLY A 465 -9.79 -15.14 -4.89
CA GLY A 465 -9.87 -15.70 -6.21
C GLY A 465 -10.11 -14.66 -7.29
N VAL A 466 -10.93 -15.04 -8.27
CA VAL A 466 -11.05 -14.28 -9.51
C VAL A 466 -11.64 -12.89 -9.29
N CYS A 467 -12.37 -12.68 -8.19
CA CYS A 467 -12.98 -11.37 -7.97
C CYS A 467 -11.93 -10.31 -7.68
N LEU A 468 -10.91 -10.64 -6.88
CA LEU A 468 -9.83 -9.69 -6.61
C LEU A 468 -9.06 -9.39 -7.89
N LEU A 469 -8.84 -10.41 -8.72
CA LEU A 469 -8.21 -10.19 -10.01
C LEU A 469 -9.06 -9.27 -10.88
N TRP A 470 -10.37 -9.44 -10.82
CA TRP A 470 -11.29 -8.61 -11.59
C TRP A 470 -11.16 -7.15 -11.19
N VAL A 471 -11.25 -6.89 -9.87
CA VAL A 471 -11.21 -5.51 -9.39
C VAL A 471 -9.84 -4.90 -9.62
N ALA A 472 -8.78 -5.67 -9.41
CA ALA A 472 -7.43 -5.15 -9.65
C ALA A 472 -7.23 -4.82 -11.12
N PHE A 473 -7.70 -5.68 -12.01
CA PHE A 473 -7.62 -5.40 -13.44
C PHE A 473 -8.34 -4.10 -13.77
N PHE A 474 -9.55 -3.92 -13.25
CA PHE A 474 -10.28 -2.71 -13.60
C PHE A 474 -9.66 -1.46 -12.99
N GLU A 475 -9.13 -1.53 -11.76
CA GLU A 475 -8.43 -0.38 -11.22
C GLU A 475 -7.24 0.01 -12.10
N CYS A 476 -6.38 -0.97 -12.40
CA CYS A 476 -5.19 -0.68 -13.20
C CYS A 476 -5.58 -0.21 -14.59
N PHE A 477 -6.55 -0.86 -15.22
CA PHE A 477 -6.97 -0.47 -16.56
C PHE A 477 -7.51 0.95 -16.57
N VAL A 478 -8.42 1.27 -15.65
CA VAL A 478 -8.98 2.62 -15.61
C VAL A 478 -7.86 3.62 -15.49
N ILE A 479 -7.05 3.52 -14.42
CA ILE A 479 -6.09 4.56 -14.14
C ILE A 479 -5.05 4.67 -15.25
N ALA A 480 -4.57 3.54 -15.76
CA ALA A 480 -3.48 3.56 -16.73
C ALA A 480 -3.94 3.99 -18.12
N TRP A 481 -5.13 3.59 -18.56
CA TRP A 481 -5.52 3.78 -19.95
C TRP A 481 -6.71 4.71 -20.16
N ILE A 482 -7.72 4.66 -19.29
CA ILE A 482 -8.90 5.51 -19.45
C ILE A 482 -8.64 6.89 -18.86
N TYR A 483 -8.16 6.92 -17.62
CA TYR A 483 -7.74 8.18 -17.01
C TYR A 483 -6.44 8.68 -17.62
N GLY A 484 -5.47 7.79 -17.80
CA GLY A 484 -4.19 8.17 -18.35
C GLY A 484 -3.06 8.06 -17.33
N GLY A 485 -2.09 7.19 -17.63
CA GLY A 485 -0.94 7.06 -16.76
C GLY A 485 -0.16 8.36 -16.65
N ASN A 486 -0.10 9.14 -17.72
CA ASN A 486 0.62 10.41 -17.69
C ASN A 486 -0.09 11.42 -16.78
N ARG A 487 -1.41 11.52 -16.88
CA ARG A 487 -2.15 12.38 -15.97
C ARG A 487 -1.97 11.93 -14.53
N PHE A 488 -1.99 10.61 -14.29
CA PHE A 488 -1.82 10.10 -12.94
C PHE A 488 -0.43 10.44 -12.41
N SER A 489 0.59 10.34 -13.28
CA SER A 489 1.95 10.68 -12.88
C SER A 489 2.07 12.17 -12.59
N GLU A 490 1.38 13.01 -13.36
CA GLU A 490 1.37 14.44 -13.07
C GLU A 490 0.72 14.72 -11.72
N ASP A 491 -0.39 14.04 -11.43
CA ASP A 491 -1.03 14.20 -10.14
C ASP A 491 -0.10 13.80 -9.01
N ILE A 492 0.63 12.68 -9.19
CA ILE A 492 1.56 12.22 -8.17
C ILE A 492 2.72 13.21 -8.03
N ARG A 493 3.17 13.79 -9.13
CA ARG A 493 4.17 14.85 -9.07
C ARG A 493 3.68 15.99 -8.17
N ASP A 494 2.44 16.43 -8.40
CA ASP A 494 1.89 17.48 -7.53
C ASP A 494 1.85 17.05 -6.08
N MET A 495 1.44 15.81 -5.82
CA MET A 495 1.24 15.38 -4.43
C MET A 495 2.56 15.21 -3.70
N ILE A 496 3.44 14.35 -4.22
CA ILE A 496 4.64 13.93 -3.52
C ILE A 496 5.92 14.41 -4.20
N GLY A 497 5.82 15.09 -5.34
CA GLY A 497 6.93 15.83 -5.91
C GLY A 497 7.81 15.08 -6.89
N PHE A 498 7.57 13.79 -7.13
CA PHE A 498 8.36 13.06 -8.11
C PHE A 498 7.47 12.05 -8.82
N PRO A 499 7.79 11.71 -10.07
CA PRO A 499 6.91 10.82 -10.83
C PRO A 499 7.07 9.38 -10.39
N PRO A 500 6.08 8.52 -10.68
CA PRO A 500 6.18 7.11 -10.23
C PRO A 500 7.39 6.38 -10.75
N GLY A 501 7.85 6.68 -11.96
CA GLY A 501 8.98 5.98 -12.54
C GLY A 501 8.56 4.79 -13.39
N PRO A 502 9.53 4.10 -13.98
CA PRO A 502 9.20 3.05 -14.95
C PRO A 502 8.59 1.81 -14.32
N TRP A 503 9.08 1.38 -13.15
CA TRP A 503 8.57 0.16 -12.54
C TRP A 503 7.08 0.29 -12.26
N MET A 504 6.67 1.38 -11.60
CA MET A 504 5.26 1.59 -11.31
C MET A 504 4.46 1.76 -12.60
N LYS A 505 4.98 2.55 -13.55
CA LYS A 505 4.24 2.83 -14.77
C LYS A 505 3.93 1.55 -15.53
N TYR A 506 4.95 0.72 -15.76
CA TYR A 506 4.72 -0.52 -16.49
C TYR A 506 3.96 -1.55 -15.66
N SER A 507 4.10 -1.52 -14.33
CA SER A 507 3.31 -2.41 -13.50
C SER A 507 1.82 -2.11 -13.65
N TRP A 508 1.46 -0.83 -13.71
CA TRP A 508 0.07 -0.48 -13.89
C TRP A 508 -0.39 -0.72 -15.34
N ALA A 509 0.45 -0.35 -16.31
CA ALA A 509 -0.01 -0.35 -17.70
C ALA A 509 -0.04 -1.76 -18.31
N VAL A 510 0.94 -2.61 -17.97
CA VAL A 510 1.12 -3.86 -18.69
C VAL A 510 1.12 -5.05 -17.73
N ILE A 511 2.02 -5.04 -16.76
CA ILE A 511 2.28 -6.25 -15.98
C ILE A 511 1.02 -6.69 -15.23
N THR A 512 0.40 -5.77 -14.48
CA THR A 512 -0.74 -6.16 -13.66
C THR A 512 -1.93 -6.60 -14.50
N PRO A 513 -2.35 -5.86 -15.53
CA PRO A 513 -3.44 -6.38 -16.39
C PRO A 513 -3.13 -7.74 -16.97
N VAL A 514 -1.90 -7.94 -17.42
CA VAL A 514 -1.54 -9.20 -18.05
C VAL A 514 -1.62 -10.34 -17.04
N LEU A 515 -1.09 -10.12 -15.84
CA LEU A 515 -1.12 -11.16 -14.83
C LEU A 515 -2.55 -11.52 -14.45
N CYS A 516 -3.37 -10.50 -14.18
CA CYS A 516 -4.74 -10.76 -13.77
C CYS A 516 -5.51 -11.51 -14.85
N VAL A 517 -5.47 -10.99 -16.08
CA VAL A 517 -6.23 -11.62 -17.15
C VAL A 517 -5.67 -13.00 -17.46
N GLY A 518 -4.35 -13.16 -17.39
CA GLY A 518 -3.76 -14.45 -17.68
C GLY A 518 -4.21 -15.52 -16.69
N CYS A 519 -4.18 -15.21 -15.40
CA CYS A 519 -4.67 -16.19 -14.43
C CYS A 519 -6.17 -16.43 -14.61
N PHE A 520 -6.93 -15.36 -14.82
CA PHE A 520 -8.38 -15.49 -14.92
C PHE A 520 -8.78 -16.32 -16.14
N ILE A 521 -7.96 -16.29 -17.19
CA ILE A 521 -8.21 -17.10 -18.38
C ILE A 521 -7.69 -18.53 -18.17
N PHE A 522 -6.47 -18.63 -17.63
CA PHE A 522 -5.82 -19.93 -17.48
C PHE A 522 -6.67 -20.88 -16.65
N SER A 523 -7.23 -20.40 -15.54
CA SER A 523 -8.05 -21.27 -14.72
C SER A 523 -9.31 -21.70 -15.45
N LEU A 524 -9.97 -20.78 -16.16
CA LEU A 524 -11.19 -21.14 -16.86
C LEU A 524 -10.90 -22.05 -18.05
N VAL A 525 -9.64 -22.16 -18.46
CA VAL A 525 -9.25 -23.10 -19.52
C VAL A 525 -8.95 -24.45 -18.89
N LYS A 526 -8.08 -24.45 -17.87
CA LYS A 526 -7.62 -25.66 -17.18
C LYS A 526 -8.43 -25.95 -15.92
N TYR A 527 -9.72 -25.66 -15.94
CA TYR A 527 -10.52 -25.59 -14.72
C TYR A 527 -10.49 -26.89 -13.92
N VAL A 528 -10.41 -26.76 -12.60
CA VAL A 528 -10.66 -27.85 -11.66
C VAL A 528 -11.46 -27.29 -10.49
N PRO A 529 -12.40 -28.04 -9.91
CA PRO A 529 -13.28 -27.47 -8.88
C PRO A 529 -12.64 -27.46 -7.48
N LEU A 530 -13.35 -26.82 -6.56
CA LEU A 530 -12.92 -26.73 -5.17
C LEU A 530 -13.09 -28.05 -4.44
N THR A 531 -12.27 -28.24 -3.41
CA THR A 531 -12.40 -29.32 -2.45
C THR A 531 -12.08 -28.79 -1.06
N TYR A 532 -12.66 -29.41 -0.03
CA TYR A 532 -12.41 -29.00 1.34
C TYR A 532 -11.06 -29.52 1.84
N ASN A 533 -10.96 -30.82 2.04
CA ASN A 533 -9.67 -31.48 2.18
C ASN A 533 -9.23 -31.98 0.80
N LYS A 534 -8.19 -32.82 0.77
CA LYS A 534 -7.76 -33.38 -0.51
C LYS A 534 -8.84 -34.22 -1.16
N THR A 535 -9.80 -34.72 -0.37
CA THR A 535 -10.77 -35.70 -0.84
C THR A 535 -12.12 -35.07 -1.19
N TYR A 536 -12.76 -34.40 -0.24
CA TYR A 536 -14.17 -34.04 -0.36
C TYR A 536 -14.40 -33.12 -1.54
N VAL A 537 -15.36 -33.48 -2.40
CA VAL A 537 -15.74 -32.68 -3.56
C VAL A 537 -17.11 -32.06 -3.31
N TYR A 538 -17.23 -30.76 -3.56
CA TYR A 538 -18.47 -30.05 -3.30
C TYR A 538 -19.55 -30.45 -4.30
N PRO A 539 -20.81 -30.44 -3.89
CA PRO A 539 -21.90 -30.57 -4.86
C PRO A 539 -22.03 -29.34 -5.73
N ASN A 540 -22.62 -29.52 -6.91
CA ASN A 540 -22.68 -28.45 -7.89
C ASN A 540 -23.47 -27.25 -7.37
N TRP A 541 -24.47 -27.48 -6.53
CA TRP A 541 -25.23 -26.37 -5.97
C TRP A 541 -24.36 -25.52 -5.06
N ALA A 542 -23.48 -26.14 -4.28
CA ALA A 542 -22.56 -25.38 -3.46
C ALA A 542 -21.56 -24.59 -4.31
N ILE A 543 -21.11 -25.16 -5.43
CA ILE A 543 -20.27 -24.41 -6.35
C ILE A 543 -21.04 -23.24 -6.92
N GLY A 544 -22.33 -23.42 -7.20
CA GLY A 544 -23.16 -22.31 -7.66
C GLY A 544 -23.26 -21.21 -6.63
N LEU A 545 -23.42 -21.59 -5.36
CA LEU A 545 -23.43 -20.59 -4.29
C LEU A 545 -22.10 -19.85 -4.20
N GLY A 546 -20.98 -20.58 -4.32
CA GLY A 546 -19.68 -19.94 -4.31
C GLY A 546 -19.52 -18.94 -5.44
N TRP A 547 -19.86 -19.36 -6.66
CA TRP A 547 -19.84 -18.45 -7.80
C TRP A 547 -20.80 -17.28 -7.60
N SER A 548 -21.90 -17.49 -6.87
CA SER A 548 -22.80 -16.39 -6.58
C SER A 548 -22.13 -15.38 -5.65
N LEU A 549 -21.41 -15.86 -4.63
CA LEU A 549 -20.67 -14.95 -3.76
C LEU A 549 -19.63 -14.17 -4.55
N ALA A 550 -18.90 -14.87 -5.42
CA ALA A 550 -17.90 -14.18 -6.24
C ALA A 550 -18.55 -13.12 -7.12
N LEU A 551 -19.58 -13.52 -7.88
CA LEU A 551 -20.20 -12.64 -8.87
C LEU A 551 -20.91 -11.47 -8.22
N SER A 552 -21.37 -11.61 -6.97
CA SER A 552 -22.07 -10.51 -6.33
C SER A 552 -21.20 -9.26 -6.28
N SER A 553 -19.88 -9.42 -6.30
CA SER A 553 -18.96 -8.29 -6.34
C SER A 553 -18.50 -7.95 -7.74
N MET A 554 -18.24 -8.97 -8.58
CA MET A 554 -17.77 -8.70 -9.93
C MET A 554 -18.79 -7.92 -10.73
N LEU A 555 -20.07 -8.28 -10.62
CA LEU A 555 -21.10 -7.69 -11.46
C LEU A 555 -21.33 -6.21 -11.14
N CYS A 556 -20.81 -5.71 -10.02
CA CYS A 556 -21.04 -4.31 -9.68
C CYS A 556 -20.49 -3.37 -10.75
N VAL A 557 -19.43 -3.76 -11.44
CA VAL A 557 -18.82 -2.86 -12.42
C VAL A 557 -19.70 -2.83 -13.68
N PRO A 558 -20.00 -3.97 -14.33
CA PRO A 558 -20.88 -3.90 -15.51
C PRO A 558 -22.22 -3.26 -15.21
N LEU A 559 -22.83 -3.62 -14.08
CA LEU A 559 -24.17 -3.14 -13.78
C LEU A 559 -24.18 -1.63 -13.56
N VAL A 560 -23.16 -1.10 -12.87
CA VAL A 560 -23.08 0.34 -12.70
C VAL A 560 -22.80 1.02 -14.03
N ILE A 561 -22.00 0.40 -14.90
CA ILE A 561 -21.78 0.98 -16.23
C ILE A 561 -23.12 1.13 -16.95
N VAL A 562 -23.93 0.07 -16.93
CA VAL A 562 -25.23 0.11 -17.59
C VAL A 562 -26.11 1.16 -16.95
N ILE A 563 -26.16 1.19 -15.61
CA ILE A 563 -27.05 2.09 -14.90
C ILE A 563 -26.71 3.54 -15.25
N ARG A 564 -25.43 3.88 -15.27
CA ARG A 564 -25.04 5.27 -15.50
C ARG A 564 -25.11 5.65 -16.97
N LEU A 565 -24.91 4.70 -17.89
CA LEU A 565 -25.17 5.00 -19.30
C LEU A 565 -26.64 5.30 -19.52
N CYS A 566 -27.54 4.46 -18.97
CA CYS A 566 -28.97 4.67 -19.19
C CYS A 566 -29.46 5.95 -18.54
N GLN A 567 -29.01 6.24 -17.32
CA GLN A 567 -29.49 7.41 -16.60
C GLN A 567 -29.06 8.72 -17.27
N THR A 568 -27.84 8.79 -17.77
CA THR A 568 -27.32 10.04 -18.33
C THR A 568 -27.94 10.30 -19.70
N GLU A 569 -28.18 11.57 -19.99
CA GLU A 569 -28.91 11.98 -21.20
C GLU A 569 -27.96 12.16 -22.38
N GLY A 570 -28.54 12.29 -23.57
CA GLY A 570 -27.80 12.60 -24.77
C GLY A 570 -27.57 11.40 -25.68
N PRO A 571 -27.02 11.64 -26.87
CA PRO A 571 -26.66 10.53 -27.76
C PRO A 571 -25.58 9.65 -27.17
N PHE A 572 -25.49 8.42 -27.69
CA PHE A 572 -24.73 7.37 -27.02
C PHE A 572 -23.26 7.75 -26.87
N LEU A 573 -22.64 8.29 -27.93
CA LEU A 573 -21.25 8.70 -27.79
C LEU A 573 -21.10 9.84 -26.81
N VAL A 574 -22.10 10.72 -26.72
CA VAL A 574 -22.07 11.78 -25.72
C VAL A 574 -22.14 11.18 -24.33
N ARG A 575 -23.01 10.19 -24.14
CA ARG A 575 -23.09 9.51 -22.84
C ARG A 575 -21.74 8.93 -22.47
N VAL A 576 -21.11 8.21 -23.41
CA VAL A 576 -19.85 7.53 -23.12
C VAL A 576 -18.77 8.55 -22.79
N LYS A 577 -18.64 9.58 -23.62
CA LYS A 577 -17.60 10.59 -23.39
C LYS A 577 -17.85 11.36 -22.10
N TYR A 578 -19.12 11.69 -21.81
CA TYR A 578 -19.44 12.46 -20.63
C TYR A 578 -19.19 11.66 -19.36
N LEU A 579 -19.31 10.33 -19.42
CA LEU A 579 -19.04 9.52 -18.26
C LEU A 579 -17.58 9.06 -18.18
N LEU A 580 -16.85 9.10 -19.29
CA LEU A 580 -15.42 8.79 -19.25
C LEU A 580 -14.62 9.94 -18.64
N THR A 581 -14.96 11.17 -19.00
CA THR A 581 -14.15 12.31 -18.61
C THR A 581 -14.29 12.60 -17.12
N PRO A 582 -13.20 12.85 -16.40
CA PRO A 582 -13.30 13.05 -14.95
C PRO A 582 -14.10 14.30 -14.59
N ARG A 583 -14.72 14.24 -13.40
CA ARG A 583 -15.19 15.44 -12.72
C ARG A 583 -14.02 16.15 -12.05
N GLU A 584 -14.11 17.48 -12.02
CA GLU A 584 -13.06 18.29 -11.41
C GLU A 584 -12.90 17.96 -9.93
N GLU B 1 23.10 15.97 -25.67
CA GLU B 1 23.24 16.87 -24.50
C GLU B 1 22.01 17.75 -24.33
N VAL B 2 21.63 18.01 -23.07
CA VAL B 2 20.46 18.83 -22.80
C VAL B 2 20.72 20.26 -23.24
N GLN B 3 19.66 20.93 -23.71
CA GLN B 3 19.75 22.32 -24.15
C GLN B 3 18.54 23.10 -23.68
N LEU B 4 18.80 24.33 -23.21
CA LEU B 4 17.74 25.29 -22.91
C LEU B 4 18.19 26.65 -23.39
N VAL B 5 17.34 27.32 -24.17
CA VAL B 5 17.69 28.58 -24.82
C VAL B 5 16.49 29.53 -24.76
N GLU B 6 16.62 30.60 -23.99
CA GLU B 6 15.56 31.60 -23.91
C GLU B 6 15.65 32.58 -25.08
N SER B 7 14.53 33.25 -25.35
CA SER B 7 14.46 34.27 -26.38
C SER B 7 13.30 35.19 -26.10
N GLY B 8 13.29 36.34 -26.78
CA GLY B 8 12.20 37.28 -26.70
C GLY B 8 12.36 38.41 -25.70
N GLY B 9 13.41 38.39 -24.88
CA GLY B 9 13.64 39.49 -23.95
C GLY B 9 14.02 40.76 -24.67
N GLY B 10 13.65 41.90 -24.07
CA GLY B 10 13.96 43.18 -24.67
C GLY B 10 13.53 44.39 -23.85
N LEU B 11 13.24 45.49 -24.55
CA LEU B 11 12.94 46.77 -23.93
C LEU B 11 11.44 47.05 -24.00
N VAL B 12 10.86 47.48 -22.89
CA VAL B 12 9.44 47.81 -22.81
C VAL B 12 9.27 49.09 -22.01
N LYS B 13 8.20 49.81 -22.28
CA LYS B 13 7.80 50.92 -21.43
C LYS B 13 7.08 50.38 -20.20
N PRO B 14 7.12 51.11 -19.07
CA PRO B 14 6.39 50.66 -17.89
C PRO B 14 4.91 50.47 -18.20
N GLY B 15 4.34 49.40 -17.65
CA GLY B 15 2.98 49.02 -17.97
C GLY B 15 2.81 48.30 -19.29
N GLY B 16 3.89 48.07 -20.03
CA GLY B 16 3.81 47.37 -21.29
C GLY B 16 3.68 45.86 -21.10
N SER B 17 3.63 45.16 -22.23
CA SER B 17 3.49 43.71 -22.26
C SER B 17 4.59 43.09 -23.11
N LEU B 18 5.04 41.90 -22.71
CA LEU B 18 6.06 41.17 -23.44
C LEU B 18 5.89 39.68 -23.18
N LYS B 19 6.31 38.87 -24.15
CA LYS B 19 6.20 37.41 -24.08
C LYS B 19 7.58 36.80 -24.26
N LEU B 20 7.99 35.98 -23.29
CA LEU B 20 9.27 35.28 -23.34
C LEU B 20 9.08 33.86 -23.90
N SER B 21 10.16 33.33 -24.48
CA SER B 21 10.19 31.96 -24.99
C SER B 21 11.44 31.25 -24.50
N CYS B 22 11.34 29.93 -24.37
CA CYS B 22 12.48 29.11 -23.94
C CYS B 22 12.41 27.78 -24.68
N ALA B 23 13.28 27.61 -25.67
CA ALA B 23 13.35 26.37 -26.43
C ALA B 23 14.07 25.29 -25.62
N ALA B 24 13.58 24.06 -25.73
CA ALA B 24 14.13 22.93 -25.00
C ALA B 24 14.54 21.83 -25.98
N SER B 25 15.61 21.10 -25.63
CA SER B 25 16.09 20.00 -26.45
C SER B 25 16.86 19.03 -25.58
N GLY B 26 17.05 17.82 -26.10
CA GLY B 26 17.84 16.79 -25.44
C GLY B 26 17.09 15.97 -24.41
N PHE B 27 15.81 16.23 -24.19
CA PHE B 27 15.02 15.45 -23.25
C PHE B 27 13.56 15.50 -23.68
N THR B 28 12.76 14.55 -23.17
CA THR B 28 11.36 14.46 -23.52
C THR B 28 10.60 15.59 -22.83
N PHE B 29 10.41 16.70 -23.55
CA PHE B 29 9.95 17.94 -22.93
C PHE B 29 8.60 17.78 -22.24
N SER B 30 7.78 16.83 -22.70
CA SER B 30 6.47 16.63 -22.08
C SER B 30 6.54 15.87 -20.75
N SER B 31 7.71 15.37 -20.37
CA SER B 31 7.85 14.52 -19.18
C SER B 31 8.43 15.26 -17.99
N TYR B 32 8.74 16.55 -18.11
CA TYR B 32 9.40 17.30 -17.05
C TYR B 32 8.67 18.61 -16.78
N ALA B 33 8.42 18.89 -15.51
CA ALA B 33 7.92 20.20 -15.11
C ALA B 33 8.97 21.27 -15.36
N MET B 34 8.49 22.49 -15.63
CA MET B 34 9.36 23.59 -16.00
C MET B 34 9.04 24.81 -15.14
N SER B 35 10.08 25.60 -14.86
CA SER B 35 9.97 26.78 -14.01
C SER B 35 10.72 27.95 -14.63
N TRP B 36 10.26 29.15 -14.34
CA TRP B 36 10.98 30.39 -14.64
C TRP B 36 11.50 30.98 -13.34
N VAL B 37 12.77 31.37 -13.35
CA VAL B 37 13.41 31.96 -12.18
C VAL B 37 14.11 33.24 -12.63
N ARG B 38 14.02 34.28 -11.80
CA ARG B 38 14.33 35.64 -12.20
C ARG B 38 15.46 36.20 -11.34
N GLN B 39 16.46 36.80 -11.99
CA GLN B 39 17.62 37.36 -11.30
C GLN B 39 17.58 38.88 -11.44
N SER B 40 17.56 39.56 -10.30
CA SER B 40 17.47 41.00 -10.26
C SER B 40 18.80 41.64 -10.69
N PRO B 41 18.77 42.93 -11.04
CA PRO B 41 20.05 43.63 -11.27
C PRO B 41 20.95 43.61 -10.05
N GLU B 42 20.38 43.47 -8.85
CA GLU B 42 21.15 43.21 -7.65
C GLU B 42 21.62 41.76 -7.55
N LYS B 43 21.44 40.97 -8.61
CA LYS B 43 21.92 39.59 -8.65
C LYS B 43 21.13 38.66 -7.72
N ARG B 44 20.08 39.17 -7.08
CA ARG B 44 19.26 38.32 -6.23
C ARG B 44 18.30 37.49 -7.06
N LEU B 45 18.23 36.20 -6.76
CA LEU B 45 17.30 35.29 -7.42
C LEU B 45 15.90 35.42 -6.82
N GLU B 46 14.90 35.22 -7.67
CA GLU B 46 13.51 35.16 -7.24
C GLU B 46 12.74 34.22 -8.16
N TRP B 47 11.83 33.44 -7.58
CA TRP B 47 11.02 32.51 -8.35
C TRP B 47 9.81 33.23 -8.95
N VAL B 48 9.36 32.75 -10.10
CA VAL B 48 8.30 33.43 -10.85
C VAL B 48 7.08 32.53 -11.00
N ALA B 49 7.25 31.41 -11.70
CA ALA B 49 6.10 30.57 -12.02
C ALA B 49 6.56 29.17 -12.40
N GLU B 50 5.79 28.17 -11.99
CA GLU B 50 6.02 26.77 -12.35
C GLU B 50 4.81 26.24 -13.13
N ILE B 51 5.07 25.48 -14.18
CA ILE B 51 4.04 24.74 -14.92
C ILE B 51 4.41 23.27 -14.89
N SER B 52 3.42 22.42 -14.57
CA SER B 52 3.66 21.00 -14.43
C SER B 52 4.02 20.35 -15.75
N SER B 53 4.33 19.06 -15.73
CA SER B 53 4.74 18.37 -16.95
C SER B 53 3.66 18.42 -18.01
N GLY B 54 2.42 18.12 -17.62
CA GLY B 54 1.32 18.13 -18.55
C GLY B 54 0.73 19.51 -18.74
N GLY B 55 0.61 20.25 -17.65
CA GLY B 55 0.10 21.60 -17.70
C GLY B 55 -1.18 21.80 -16.92
N ARG B 56 -1.61 20.76 -16.20
CA ARG B 56 -2.83 20.87 -15.41
C ARG B 56 -2.62 21.69 -14.14
N TYR B 57 -1.44 21.63 -13.54
CA TYR B 57 -1.14 22.37 -12.33
C TYR B 57 -0.13 23.48 -12.63
N ILE B 58 -0.44 24.69 -12.15
CA ILE B 58 0.40 25.86 -12.35
C ILE B 58 0.47 26.64 -11.04
N TYR B 59 1.65 27.15 -10.71
CA TYR B 59 1.86 27.94 -9.51
C TYR B 59 2.55 29.25 -9.88
N TYR B 60 2.22 30.30 -9.12
CA TYR B 60 2.81 31.62 -9.32
C TYR B 60 3.29 32.18 -7.99
N SER B 61 4.33 33.02 -8.07
CA SER B 61 4.76 33.79 -6.92
C SER B 61 3.74 34.89 -6.63
N ASP B 62 3.64 35.27 -5.35
CA ASP B 62 2.65 36.25 -4.94
C ASP B 62 2.86 37.60 -5.60
N THR B 63 4.08 37.93 -6.00
CA THR B 63 4.36 39.24 -6.60
C THR B 63 3.92 39.32 -8.06
N VAL B 64 3.71 38.17 -8.71
CA VAL B 64 3.31 38.13 -10.11
C VAL B 64 2.00 37.39 -10.31
N THR B 65 1.34 36.95 -9.24
CA THR B 65 0.19 36.06 -9.39
C THR B 65 -0.93 36.70 -10.20
N GLY B 66 -0.96 38.02 -10.32
CA GLY B 66 -2.02 38.68 -11.04
C GLY B 66 -1.66 39.14 -12.45
N ARG B 67 -0.40 39.01 -12.83
CA ARG B 67 0.10 39.66 -14.04
C ARG B 67 0.77 38.72 -15.03
N PHE B 68 1.34 37.61 -14.59
CA PHE B 68 2.09 36.71 -15.45
C PHE B 68 1.32 35.42 -15.71
N THR B 69 1.35 34.95 -16.95
CA THR B 69 0.72 33.70 -17.36
C THR B 69 1.77 32.81 -17.99
N ILE B 70 1.94 31.60 -17.45
CA ILE B 70 2.89 30.63 -17.98
C ILE B 70 2.15 29.64 -18.87
N SER B 71 2.84 29.11 -19.87
CA SER B 71 2.26 28.12 -20.76
C SER B 71 3.38 27.34 -21.43
N ARG B 72 3.01 26.21 -22.04
CA ARG B 72 3.96 25.34 -22.71
C ARG B 72 3.35 24.80 -24.00
N ASP B 73 4.21 24.33 -24.90
CA ASP B 73 3.81 23.71 -26.17
C ASP B 73 4.60 22.42 -26.31
N ASN B 74 4.01 21.30 -25.85
CA ASN B 74 4.73 20.03 -25.87
C ASN B 74 5.05 19.58 -27.28
N ALA B 75 4.19 19.86 -28.24
CA ALA B 75 4.46 19.46 -29.61
C ALA B 75 5.64 20.23 -30.19
N ARG B 76 5.72 21.54 -29.90
CA ARG B 76 6.84 22.35 -30.36
C ARG B 76 8.03 22.29 -29.43
N ASN B 77 7.88 21.71 -28.24
CA ASN B 77 8.98 21.59 -27.28
C ASN B 77 9.54 22.96 -26.89
N ILE B 78 8.63 23.90 -26.59
CA ILE B 78 9.00 25.26 -26.23
C ILE B 78 8.20 25.69 -25.01
N LEU B 79 8.83 26.44 -24.11
CA LEU B 79 8.19 26.98 -22.92
C LEU B 79 7.97 28.49 -23.08
N HIS B 80 6.78 28.94 -22.70
CA HIS B 80 6.40 30.34 -22.86
C HIS B 80 6.02 30.97 -21.53
N LEU B 81 6.31 32.26 -21.39
CA LEU B 81 5.82 33.08 -20.29
C LEU B 81 5.36 34.42 -20.84
N GLU B 82 4.14 34.83 -20.47
CA GLU B 82 3.55 36.08 -20.94
C GLU B 82 3.41 37.06 -19.79
N MET B 83 3.87 38.29 -20.00
CA MET B 83 3.76 39.36 -19.01
C MET B 83 2.75 40.39 -19.51
N SER B 84 1.76 40.69 -18.67
CA SER B 84 0.67 41.58 -19.08
C SER B 84 1.03 43.05 -18.86
N SER B 85 1.36 43.43 -17.63
CA SER B 85 1.68 44.83 -17.30
C SER B 85 2.96 44.84 -16.48
N LEU B 86 4.09 45.01 -17.16
CA LEU B 86 5.40 44.96 -16.52
C LEU B 86 5.62 46.21 -15.67
N ARG B 87 5.74 46.02 -14.36
CA ARG B 87 6.02 47.10 -13.44
C ARG B 87 7.51 47.45 -13.43
N SER B 88 7.84 48.51 -12.70
CA SER B 88 9.24 48.96 -12.63
C SER B 88 10.14 47.89 -12.01
N GLU B 89 9.58 47.04 -11.13
CA GLU B 89 10.37 46.04 -10.44
C GLU B 89 10.61 44.79 -11.27
N ASP B 90 9.96 44.66 -12.43
CA ASP B 90 10.01 43.43 -13.19
C ASP B 90 11.26 43.32 -14.08
N THR B 91 12.06 44.37 -14.19
CA THR B 91 13.28 44.28 -15.01
C THR B 91 14.25 43.31 -14.37
N ALA B 92 14.74 42.36 -15.16
CA ALA B 92 15.61 41.31 -14.65
C ALA B 92 16.13 40.44 -15.79
N MET B 93 16.93 39.43 -15.45
CA MET B 93 17.35 38.40 -16.40
C MET B 93 16.63 37.11 -16.07
N TYR B 94 15.91 36.57 -17.05
CA TYR B 94 14.97 35.48 -16.83
C TYR B 94 15.59 34.16 -17.29
N TYR B 95 15.57 33.17 -16.39
CA TYR B 95 16.04 31.83 -16.68
C TYR B 95 14.87 30.86 -16.68
N CYS B 96 14.81 29.99 -17.69
CA CYS B 96 13.95 28.82 -17.62
C CYS B 96 14.75 27.62 -17.09
N ALA B 97 14.10 26.84 -16.24
CA ALA B 97 14.79 25.78 -15.50
C ALA B 97 13.92 24.52 -15.45
N ARG B 98 14.59 23.38 -15.53
CA ARG B 98 13.91 22.08 -15.46
C ARG B 98 13.81 21.63 -14.01
N GLY B 99 12.60 21.26 -13.58
CA GLY B 99 12.33 21.07 -12.17
C GLY B 99 11.47 19.88 -11.80
N GLU B 100 11.58 18.77 -12.53
CA GLU B 100 10.62 17.68 -12.36
C GLU B 100 10.58 17.18 -10.92
N VAL B 101 11.73 16.84 -10.36
CA VAL B 101 11.80 16.20 -9.05
C VAL B 101 12.05 17.29 -8.00
N ARG B 102 11.06 17.52 -7.14
CA ARG B 102 11.22 18.56 -6.12
C ARG B 102 12.30 18.18 -5.10
N GLN B 103 12.57 16.90 -4.92
CA GLN B 103 13.67 16.47 -4.06
C GLN B 103 15.01 16.45 -4.79
N ARG B 104 15.09 17.09 -5.96
CA ARG B 104 16.36 17.16 -6.69
C ARG B 104 16.62 18.55 -7.27
N GLY B 105 15.96 19.59 -6.78
CA GLY B 105 16.21 20.94 -7.25
C GLY B 105 15.89 21.10 -8.73
N PHE B 106 16.45 22.16 -9.31
CA PHE B 106 16.33 22.45 -10.74
C PHE B 106 17.55 21.86 -11.44
N ASP B 107 17.32 20.88 -12.32
CA ASP B 107 18.42 20.11 -12.88
C ASP B 107 19.30 20.96 -13.80
N TYR B 108 18.70 21.75 -14.69
CA TYR B 108 19.47 22.52 -15.66
C TYR B 108 18.84 23.87 -15.91
N TRP B 109 19.68 24.83 -16.31
CA TRP B 109 19.30 26.22 -16.49
C TRP B 109 19.63 26.69 -17.90
N GLY B 110 18.77 27.55 -18.44
CA GLY B 110 19.02 28.15 -19.73
C GLY B 110 20.00 29.31 -19.64
N GLN B 111 20.42 29.79 -20.83
CA GLN B 111 21.34 30.92 -20.88
C GLN B 111 20.70 32.22 -20.39
N GLY B 112 19.40 32.36 -20.52
CA GLY B 112 18.69 33.51 -19.98
C GLY B 112 18.68 34.70 -20.93
N THR B 113 17.69 35.57 -20.71
CA THR B 113 17.51 36.79 -21.50
C THR B 113 17.17 37.96 -20.58
N THR B 114 17.77 39.11 -20.86
CA THR B 114 17.51 40.32 -20.09
C THR B 114 16.19 40.97 -20.49
N LEU B 115 15.59 41.69 -19.54
CA LEU B 115 14.35 42.42 -19.78
C LEU B 115 14.44 43.76 -19.07
N THR B 116 14.14 44.85 -19.77
CA THR B 116 14.34 46.20 -19.28
C THR B 116 13.07 47.02 -19.47
N VAL B 117 12.77 47.87 -18.48
CA VAL B 117 11.50 48.60 -18.46
C VAL B 117 11.75 50.11 -18.50
N SER B 118 12.88 50.52 -19.09
CA SER B 118 13.17 51.95 -19.19
C SER B 118 12.12 52.67 -20.02
N GLU C 1 5.27 33.62 2.40
CA GLU C 1 6.39 32.85 1.79
C GLU C 1 7.48 32.58 2.82
N ASN C 2 8.09 31.40 2.74
CA ASN C 2 9.14 31.01 3.67
C ASN C 2 10.45 31.68 3.27
N VAL C 3 10.80 32.76 3.99
CA VAL C 3 12.00 33.52 3.65
C VAL C 3 13.24 32.77 4.13
N LEU C 4 14.23 32.64 3.24
CA LEU C 4 15.52 32.05 3.56
C LEU C 4 16.60 33.12 3.54
N THR C 5 17.49 33.07 4.55
CA THR C 5 18.62 33.98 4.65
C THR C 5 19.89 33.19 4.89
N GLN C 6 21.00 33.71 4.36
CA GLN C 6 22.31 33.09 4.50
C GLN C 6 23.24 34.00 5.29
N SER C 7 24.04 33.39 6.18
CA SER C 7 24.75 34.18 7.19
C SER C 7 25.86 35.05 6.59
N PRO C 8 26.93 34.50 6.02
CA PRO C 8 28.05 35.32 5.54
C PRO C 8 27.92 35.79 4.10
N ALA C 9 27.17 36.87 3.91
CA ALA C 9 26.88 37.36 2.57
C ALA C 9 28.15 37.57 1.75
N ILE C 10 29.22 38.09 2.35
CA ILE C 10 30.49 38.30 1.68
C ILE C 10 31.59 37.69 2.53
N MET C 11 32.49 36.96 1.84
CA MET C 11 33.51 36.20 2.55
C MET C 11 34.95 36.22 2.05
N SER C 12 35.89 36.70 2.88
CA SER C 12 37.30 36.59 2.50
C SER C 12 37.74 35.13 2.57
N THR C 13 38.67 34.76 1.67
CA THR C 13 39.11 33.38 1.60
C THR C 13 40.46 33.33 0.89
N SER C 14 41.19 32.24 1.15
CA SER C 14 42.49 32.01 0.52
C SER C 14 42.56 30.56 0.09
N PRO C 15 43.38 30.24 -0.90
CA PRO C 15 43.48 28.85 -1.37
C PRO C 15 43.88 27.90 -0.25
N GLY C 16 43.37 26.68 -0.32
CA GLY C 16 43.75 25.63 0.60
C GLY C 16 43.01 25.67 1.93
N GLU C 17 42.52 26.84 2.34
CA GLU C 17 41.81 26.96 3.59
C GLU C 17 40.44 26.30 3.50
N LYS C 18 39.91 25.96 4.68
CA LYS C 18 38.55 25.44 4.80
C LYS C 18 37.55 26.60 4.88
N VAL C 19 36.34 26.35 4.39
CA VAL C 19 35.30 27.37 4.31
C VAL C 19 33.96 26.74 4.68
N THR C 20 33.10 27.53 5.32
CA THR C 20 31.77 27.06 5.71
C THR C 20 30.80 28.23 5.64
N MET C 21 29.56 27.93 5.29
CA MET C 21 28.51 28.94 5.17
C MET C 21 27.17 28.30 5.49
N THR C 22 26.24 29.12 6.00
CA THR C 22 25.01 28.64 6.61
C THR C 22 23.79 29.25 5.92
N CYS C 23 22.68 28.51 5.95
CA CYS C 23 21.40 28.95 5.41
C CYS C 23 20.32 28.73 6.46
N ARG C 24 19.49 29.74 6.69
CA ARG C 24 18.45 29.69 7.71
C ARG C 24 17.10 30.04 7.09
N ALA C 25 16.04 29.43 7.61
CA ALA C 25 14.69 29.57 7.07
C ALA C 25 13.74 30.12 8.11
N SER C 26 12.76 30.89 7.64
CA SER C 26 11.70 31.37 8.51
C SER C 26 10.76 30.25 8.96
N SER C 27 10.77 29.12 8.26
CA SER C 27 9.94 27.98 8.60
C SER C 27 10.73 26.71 8.33
N SER C 28 10.34 25.64 9.03
CA SER C 28 11.04 24.37 8.91
C SER C 28 10.92 23.82 7.50
N VAL C 29 12.05 23.37 6.95
CA VAL C 29 12.12 22.75 5.63
C VAL C 29 12.62 21.32 5.79
N GLY C 30 11.92 20.36 5.19
CA GLY C 30 12.35 18.99 5.26
C GLY C 30 13.73 18.78 4.65
N SER C 31 14.42 17.75 5.15
CA SER C 31 15.77 17.47 4.68
C SER C 31 15.83 17.26 3.18
N SER C 32 14.77 16.69 2.59
CA SER C 32 14.77 16.36 1.18
C SER C 32 14.48 17.54 0.27
N TYR C 33 14.07 18.69 0.81
CA TYR C 33 13.53 19.78 0.01
C TYR C 33 14.37 21.06 0.03
N LEU C 34 15.64 20.99 0.41
CA LEU C 34 16.53 22.15 0.33
C LEU C 34 17.71 21.81 -0.56
N HIS C 35 18.04 22.73 -1.47
CA HIS C 35 19.06 22.53 -2.48
C HIS C 35 20.01 23.73 -2.51
N TRP C 36 21.23 23.49 -2.99
CA TRP C 36 22.22 24.54 -3.16
C TRP C 36 22.64 24.65 -4.62
N TYR C 37 22.79 25.89 -5.10
CA TYR C 37 23.21 26.18 -6.46
C TYR C 37 24.49 27.01 -6.45
N GLN C 38 25.37 26.74 -7.41
CA GLN C 38 26.56 27.56 -7.65
C GLN C 38 26.36 28.41 -8.89
N GLN C 39 26.73 29.69 -8.79
CA GLN C 39 26.71 30.61 -9.92
C GLN C 39 28.10 31.18 -10.11
N LYS C 40 28.72 30.88 -11.25
CA LYS C 40 29.97 31.53 -11.62
C LYS C 40 29.69 32.97 -12.03
N SER C 41 30.71 33.82 -11.89
CA SER C 41 30.55 35.23 -12.22
C SER C 41 30.13 35.39 -13.68
N GLY C 42 28.95 35.99 -13.88
CA GLY C 42 28.46 36.23 -15.22
C GLY C 42 27.94 35.01 -15.96
N ALA C 43 27.56 33.96 -15.24
CA ALA C 43 27.08 32.73 -15.87
C ALA C 43 25.81 32.25 -15.17
N SER C 44 25.09 31.36 -15.84
CA SER C 44 23.85 30.82 -15.29
C SER C 44 24.15 29.91 -14.09
N PRO C 45 23.30 29.92 -13.05
CA PRO C 45 23.52 29.01 -11.91
C PRO C 45 23.48 27.54 -12.31
N LYS C 46 24.04 26.68 -11.47
CA LYS C 46 24.02 25.24 -11.70
C LYS C 46 23.77 24.53 -10.38
N LEU C 47 23.05 23.42 -10.44
CA LEU C 47 22.76 22.64 -9.25
C LEU C 47 24.04 22.10 -8.64
N TRP C 48 24.19 22.26 -7.33
CA TRP C 48 25.44 21.92 -6.66
C TRP C 48 25.21 20.88 -5.57
N ILE C 49 24.16 21.06 -4.78
CA ILE C 49 23.73 20.10 -3.77
C ILE C 49 22.21 20.03 -3.82
N TYR C 50 21.68 18.81 -3.85
CA TYR C 50 20.25 18.61 -4.03
C TYR C 50 19.60 17.83 -2.89
N SER C 51 20.23 17.83 -1.71
CA SER C 51 19.59 17.46 -0.46
C SER C 51 20.42 17.98 0.70
N THR C 52 20.08 17.59 1.92
CA THR C 52 20.89 17.94 3.08
C THR C 52 22.36 17.70 2.78
N SER C 53 22.65 16.58 2.10
CA SER C 53 24.04 16.18 1.85
C SER C 53 24.34 15.84 0.39
N ASN C 54 23.37 15.35 -0.39
CA ASN C 54 23.68 14.75 -1.68
C ASN C 54 24.36 15.74 -2.62
N LEU C 55 25.52 15.33 -3.14
CA LEU C 55 26.27 16.16 -4.08
C LEU C 55 25.73 15.98 -5.50
N ALA C 56 25.83 17.05 -6.28
CA ALA C 56 25.42 17.06 -7.69
C ALA C 56 26.34 16.21 -8.55
N SER C 57 26.04 16.15 -9.86
CA SER C 57 26.78 15.25 -10.74
C SER C 57 28.22 15.72 -10.97
N GLY C 58 28.45 17.02 -10.99
CA GLY C 58 29.76 17.53 -11.38
C GLY C 58 30.53 18.23 -10.28
N VAL C 59 29.91 18.38 -9.12
CA VAL C 59 30.55 19.11 -8.01
C VAL C 59 31.79 18.36 -7.55
N PRO C 60 32.90 19.03 -7.27
CA PRO C 60 34.05 18.35 -6.67
C PRO C 60 33.68 17.72 -5.33
N ALA C 61 34.31 16.58 -5.04
CA ALA C 61 33.99 15.82 -3.84
C ALA C 61 34.26 16.59 -2.55
N ARG C 62 35.04 17.67 -2.61
CA ARG C 62 35.40 18.42 -1.42
C ARG C 62 34.23 19.17 -0.80
N PHE C 63 33.11 19.28 -1.51
CA PHE C 63 31.94 19.95 -0.97
C PHE C 63 31.11 19.00 -0.09
N SER C 64 30.34 19.60 0.82
CA SER C 64 29.45 18.83 1.69
C SER C 64 28.39 19.75 2.25
N GLY C 65 27.30 19.14 2.73
CA GLY C 65 26.21 19.89 3.31
C GLY C 65 25.70 19.21 4.58
N SER C 66 24.94 19.97 5.36
CA SER C 66 24.36 19.45 6.59
C SER C 66 23.16 20.29 6.98
N GLY C 67 22.43 19.82 7.99
CA GLY C 67 21.36 20.57 8.61
C GLY C 67 20.00 19.92 8.44
N SER C 68 19.04 20.47 9.17
CA SER C 68 17.66 19.98 9.16
C SER C 68 16.78 21.06 9.78
N GLY C 69 15.48 20.92 9.57
CA GLY C 69 14.54 21.88 10.14
C GLY C 69 14.79 23.29 9.65
N THR C 70 15.06 24.20 10.58
CA THR C 70 15.15 25.63 10.29
C THR C 70 16.55 26.09 9.91
N SER C 71 17.56 25.21 9.96
CA SER C 71 18.93 25.62 9.75
C SER C 71 19.67 24.61 8.88
N TYR C 72 20.53 25.12 8.00
CA TYR C 72 21.31 24.30 7.09
C TYR C 72 22.65 24.98 6.83
N SER C 73 23.60 24.22 6.30
CA SER C 73 24.92 24.75 6.03
C SER C 73 25.58 23.99 4.89
N LEU C 74 26.57 24.63 4.27
CA LEU C 74 27.42 24.02 3.26
C LEU C 74 28.88 24.29 3.62
N THR C 75 29.75 23.32 3.34
CA THR C 75 31.15 23.41 3.73
C THR C 75 32.05 22.92 2.59
N ILE C 76 33.28 23.40 2.59
CA ILE C 76 34.32 22.98 1.66
C ILE C 76 35.53 22.54 2.46
N SER C 77 36.04 21.35 2.17
CA SER C 77 37.18 20.82 2.91
C SER C 77 38.45 21.63 2.63
N SER C 78 38.70 21.98 1.38
CA SER C 78 39.88 22.76 1.02
C SER C 78 39.64 23.49 -0.30
N VAL C 79 39.56 24.82 -0.24
CA VAL C 79 39.11 25.60 -1.38
C VAL C 79 40.20 25.69 -2.44
N GLU C 80 39.79 26.08 -3.65
CA GLU C 80 40.68 26.36 -4.75
C GLU C 80 40.10 27.51 -5.56
N ALA C 81 40.96 28.14 -6.36
CA ALA C 81 40.54 29.32 -7.11
C ALA C 81 39.35 29.03 -8.01
N GLU C 82 39.17 27.78 -8.42
CA GLU C 82 38.03 27.40 -9.25
C GLU C 82 36.71 27.49 -8.50
N ASP C 83 36.73 27.59 -7.17
CA ASP C 83 35.50 27.60 -6.38
C ASP C 83 34.99 29.01 -6.08
N ALA C 84 35.67 30.04 -6.57
CA ALA C 84 35.21 31.42 -6.37
C ALA C 84 33.90 31.64 -7.10
N ALA C 85 32.80 31.68 -6.36
CA ALA C 85 31.47 31.79 -6.95
C ALA C 85 30.47 32.20 -5.88
N THR C 86 29.24 32.46 -6.31
CA THR C 86 28.13 32.78 -5.43
C THR C 86 27.23 31.55 -5.27
N TYR C 87 26.85 31.25 -4.03
CA TYR C 87 26.08 30.06 -3.71
C TYR C 87 24.75 30.44 -3.08
N TYR C 88 23.66 29.85 -3.59
CA TYR C 88 22.31 30.11 -3.12
C TYR C 88 21.68 28.84 -2.57
N CYS C 89 21.10 28.93 -1.38
CA CYS C 89 20.24 27.87 -0.86
C CYS C 89 18.80 28.12 -1.28
N GLN C 90 18.09 27.02 -1.56
CA GLN C 90 16.72 27.10 -2.05
C GLN C 90 15.87 26.03 -1.39
N GLN C 91 14.68 26.40 -0.94
CA GLN C 91 13.71 25.44 -0.41
C GLN C 91 12.69 25.06 -1.48
N PHE C 92 12.28 23.79 -1.46
CA PHE C 92 11.35 23.24 -2.43
C PHE C 92 10.14 22.60 -1.76
N SER C 93 9.88 22.93 -0.49
CA SER C 93 8.84 22.25 0.27
C SER C 93 7.45 22.82 0.03
N GLY C 94 7.34 24.12 -0.27
CA GLY C 94 6.05 24.75 -0.40
C GLY C 94 6.09 26.06 -1.14
N TYR C 95 5.12 26.28 -2.02
CA TYR C 95 5.12 27.47 -2.84
C TYR C 95 4.66 28.68 -2.02
N PRO C 96 5.11 29.90 -2.38
CA PRO C 96 6.10 30.24 -3.42
C PRO C 96 7.50 29.74 -3.08
N LEU C 97 8.23 29.27 -4.09
CA LEU C 97 9.60 28.83 -3.88
C LEU C 97 10.49 30.04 -3.61
N THR C 98 11.49 29.84 -2.74
CA THR C 98 12.33 30.94 -2.27
C THR C 98 13.80 30.57 -2.34
N PHE C 99 14.62 31.49 -2.83
CA PHE C 99 16.07 31.36 -2.81
C PHE C 99 16.65 32.24 -1.71
N GLY C 100 17.72 31.75 -1.08
CA GLY C 100 18.41 32.53 -0.07
C GLY C 100 19.08 33.76 -0.64
N SER C 101 19.53 34.62 0.27
CA SER C 101 20.18 35.87 -0.14
C SER C 101 21.48 35.64 -0.90
N GLY C 102 22.06 34.44 -0.83
CA GLY C 102 23.28 34.13 -1.54
C GLY C 102 24.54 34.61 -0.85
N THR C 103 25.64 33.88 -1.04
CA THR C 103 26.91 34.17 -0.39
C THR C 103 28.03 34.10 -1.42
N LYS C 104 28.94 35.08 -1.38
CA LYS C 104 30.00 35.21 -2.37
C LYS C 104 31.36 34.91 -1.74
N LEU C 105 32.12 34.02 -2.37
CA LEU C 105 33.52 33.79 -2.01
C LEU C 105 34.39 34.68 -2.88
N GLU C 106 35.13 35.59 -2.24
CA GLU C 106 35.82 36.66 -2.94
C GLU C 106 37.24 36.30 -3.39
N MET C 107 37.73 35.12 -3.03
CA MET C 107 39.09 34.74 -3.42
C MET C 107 39.24 33.22 -3.53
#